data_1HAB
#
_entry.id   1HAB
#
_cell.length_a   86.840
_cell.length_b   87.110
_cell.length_c   97.630
_cell.angle_alpha   90.00
_cell.angle_beta   90.00
_cell.angle_gamma   90.00
#
_symmetry.space_group_name_H-M   'P 21 21 21'
#
loop_
_entity.id
_entity.type
_entity.pdbx_description
1 polymer 'HEMOGLOBIN A'
2 polymer 'HEMOGLOBIN A'
3 non-polymer 'PROTOPORPHYRIN IX CONTAINING FE'
4 non-polymer 'CARBON MONOXIDE'
5 non-polymer '4-CARBOXYCINNAMIC ACID'
6 water water
#
loop_
_entity_poly.entity_id
_entity_poly.type
_entity_poly.pdbx_seq_one_letter_code
_entity_poly.pdbx_strand_id
1 'polypeptide(L)'
;VLSPADKTNVKAAWGKVGAHAGEYGAEALERMFLSFPTTKTYFPHFDLSHGSAQVKGHGKKVADALTNAVAHVDDMPNAL
SALSDLHAHKLRVDPVNFKLLSHCLLVTLAAHLPAEFTPAVHASLDKFLASVSTVLTSKYR
;
A,C
2 'polypeptide(L)'
;VHLTPEEKSAVTALWGKVNVDEVGGEALGRLLVVYPWTQRFFESFGDLSTPDAVMGNPKVKAHGKKVLGAFSDGLAHLDN
LKGTFATLSELHCDKLHVDPENFRLLGNVLVCVLAHHFGKEFTPPVQAAYQKVVAGVANALAHKYH
;
B,D
#
loop_
_chem_comp.id
_chem_comp.type
_chem_comp.name
_chem_comp.formula
CIN non-polymer '4-CARBOXYCINNAMIC ACID' 'C10 H8 O4'
CMO non-polymer 'CARBON MONOXIDE' 'C O'
HEM non-polymer 'PROTOPORPHYRIN IX CONTAINING FE' 'C34 H32 Fe N4 O4'
#
# COMPACT_ATOMS: atom_id res chain seq x y z
N VAL A 1 4.11 -16.52 4.72
CA VAL A 1 5.04 -17.55 4.25
C VAL A 1 4.37 -18.93 4.13
N LEU A 2 3.35 -19.09 4.95
CA LEU A 2 2.70 -20.35 5.00
C LEU A 2 3.69 -21.35 5.45
N SER A 3 4.12 -21.10 6.67
CA SER A 3 4.92 -22.02 7.40
C SER A 3 3.97 -23.22 7.53
N PRO A 4 4.54 -24.35 7.90
CA PRO A 4 3.72 -25.56 8.09
C PRO A 4 2.59 -25.24 9.08
N ALA A 5 2.96 -24.45 10.08
CA ALA A 5 2.05 -24.02 11.11
C ALA A 5 0.90 -23.36 10.43
N ASP A 6 1.27 -22.35 9.65
CA ASP A 6 0.30 -21.58 8.89
C ASP A 6 -0.59 -22.51 8.11
N LYS A 7 -0.02 -23.33 7.22
CA LYS A 7 -0.82 -24.25 6.39
C LYS A 7 -1.81 -25.07 7.23
N THR A 8 -1.49 -25.19 8.51
CA THR A 8 -2.36 -25.95 9.32
C THR A 8 -3.65 -25.32 9.63
N ASN A 9 -3.56 -24.28 10.46
CA ASN A 9 -4.77 -23.62 10.97
C ASN A 9 -5.66 -23.33 9.81
N VAL A 10 -5.00 -22.93 8.72
CA VAL A 10 -5.69 -22.56 7.52
C VAL A 10 -6.59 -23.73 7.10
N LYS A 11 -5.98 -24.89 6.95
CA LYS A 11 -6.74 -26.08 6.60
C LYS A 11 -7.77 -26.34 7.65
N ALA A 12 -7.36 -26.15 8.92
CA ALA A 12 -8.25 -26.34 10.05
C ALA A 12 -9.51 -25.53 9.82
N ALA A 13 -9.35 -24.20 9.85
CA ALA A 13 -10.41 -23.19 9.69
C ALA A 13 -11.19 -23.28 8.39
N TRP A 14 -10.47 -23.61 7.32
CA TRP A 14 -11.16 -23.66 6.05
C TRP A 14 -12.09 -24.82 6.08
N GLY A 15 -11.54 -25.97 6.53
CA GLY A 15 -12.29 -27.21 6.68
C GLY A 15 -13.54 -26.91 7.53
N LYS A 16 -13.27 -26.26 8.65
CA LYS A 16 -14.31 -25.78 9.56
C LYS A 16 -15.42 -25.07 8.77
N VAL A 17 -15.07 -24.36 7.69
CA VAL A 17 -16.03 -23.59 6.89
C VAL A 17 -16.96 -24.52 6.10
N GLY A 18 -16.27 -25.43 5.41
CA GLY A 18 -16.87 -26.43 4.55
C GLY A 18 -18.03 -25.93 3.74
N ALA A 19 -19.14 -26.63 3.81
CA ALA A 19 -20.32 -26.26 3.04
C ALA A 19 -20.81 -24.87 3.26
N HIS A 20 -20.18 -24.10 4.10
CA HIS A 20 -20.77 -22.83 4.21
C HIS A 20 -20.14 -21.87 3.28
N ALA A 21 -18.97 -22.28 2.80
CA ALA A 21 -18.10 -21.50 1.90
C ALA A 21 -18.79 -20.53 0.95
N GLY A 22 -19.67 -21.09 0.12
CA GLY A 22 -20.39 -20.28 -0.84
C GLY A 22 -21.13 -19.13 -0.15
N GLU A 23 -21.94 -19.43 0.85
CA GLU A 23 -22.67 -18.36 1.54
C GLU A 23 -21.73 -17.22 2.04
N TYR A 24 -20.54 -17.60 2.51
CA TYR A 24 -19.55 -16.68 3.08
C TYR A 24 -18.88 -15.80 2.00
N GLY A 25 -18.46 -16.43 0.90
CA GLY A 25 -17.91 -15.70 -0.25
C GLY A 25 -18.93 -14.59 -0.60
N ALA A 26 -20.18 -15.01 -0.70
CA ALA A 26 -21.27 -14.07 -0.95
C ALA A 26 -21.30 -12.93 0.04
N GLU A 27 -21.17 -13.28 1.32
CA GLU A 27 -21.16 -12.27 2.39
C GLU A 27 -19.98 -11.35 2.11
N ALA A 28 -18.81 -11.97 2.09
CA ALA A 28 -17.59 -11.27 1.87
C ALA A 28 -17.74 -10.27 0.71
N LEU A 29 -18.44 -10.67 -0.38
CA LEU A 29 -18.63 -9.75 -1.55
C LEU A 29 -19.50 -8.61 -1.18
N GLU A 30 -20.65 -8.99 -0.71
CA GLU A 30 -21.63 -8.03 -0.20
C GLU A 30 -20.94 -7.07 0.75
N ARG A 31 -20.16 -7.61 1.66
CA ARG A 31 -19.44 -6.75 2.61
C ARG A 31 -18.57 -5.69 1.94
N MET A 32 -17.84 -6.12 0.93
CA MET A 32 -16.97 -5.26 0.17
C MET A 32 -17.76 -4.16 -0.55
N PHE A 33 -18.92 -4.54 -1.07
CA PHE A 33 -19.67 -3.61 -1.90
C PHE A 33 -20.12 -2.49 -1.09
N LEU A 34 -20.69 -2.84 0.03
CA LEU A 34 -21.14 -1.84 0.96
C LEU A 34 -20.01 -1.02 1.57
N SER A 35 -19.01 -1.69 2.09
CA SER A 35 -17.90 -0.97 2.70
C SER A 35 -16.98 -0.21 1.73
N PHE A 36 -16.77 -0.73 0.51
CA PHE A 36 -15.86 -0.09 -0.43
C PHE A 36 -16.48 -0.12 -1.82
N PRO A 37 -17.31 0.87 -2.03
CA PRO A 37 -18.17 1.00 -3.21
C PRO A 37 -17.41 1.21 -4.54
N THR A 38 -16.23 1.77 -4.38
CA THR A 38 -15.25 1.89 -5.46
C THR A 38 -15.17 0.49 -6.08
N THR A 39 -15.39 -0.55 -5.27
CA THR A 39 -15.34 -1.88 -5.79
C THR A 39 -16.51 -2.27 -6.67
N LYS A 40 -17.64 -1.58 -6.55
CA LYS A 40 -18.81 -1.94 -7.40
C LYS A 40 -18.55 -1.63 -8.92
N THR A 41 -17.66 -0.68 -9.13
CA THR A 41 -17.16 -0.26 -10.41
C THR A 41 -16.83 -1.50 -11.31
N TYR A 42 -16.38 -2.61 -10.71
CA TYR A 42 -15.97 -3.80 -11.49
C TYR A 42 -17.08 -4.80 -11.86
N PHE A 43 -18.27 -4.66 -11.31
CA PHE A 43 -19.35 -5.62 -11.60
C PHE A 43 -20.59 -4.92 -12.10
N PRO A 44 -20.42 -4.08 -13.10
CA PRO A 44 -21.55 -3.33 -13.70
C PRO A 44 -22.60 -4.28 -14.34
N HIS A 45 -22.19 -5.46 -14.76
CA HIS A 45 -23.19 -6.35 -15.37
C HIS A 45 -23.90 -7.18 -14.33
N PHE A 46 -23.94 -6.70 -13.10
CA PHE A 46 -24.54 -7.48 -12.04
C PHE A 46 -25.56 -6.70 -11.32
N ASP A 47 -26.56 -7.40 -10.79
CA ASP A 47 -27.50 -6.73 -9.89
C ASP A 47 -26.79 -6.95 -8.53
N LEU A 48 -26.47 -5.85 -7.85
CA LEU A 48 -25.66 -5.88 -6.62
C LEU A 48 -26.45 -5.63 -5.30
N SER A 49 -27.76 -5.58 -5.46
CA SER A 49 -28.67 -5.37 -4.37
C SER A 49 -28.62 -6.60 -3.43
N HIS A 50 -28.95 -6.36 -2.15
CA HIS A 50 -28.93 -7.39 -1.11
C HIS A 50 -29.46 -8.76 -1.48
N GLY A 51 -30.57 -8.83 -2.19
CA GLY A 51 -31.06 -10.14 -2.58
C GLY A 51 -29.95 -10.82 -3.41
N SER A 52 -29.82 -10.34 -4.62
CA SER A 52 -28.82 -10.79 -5.55
C SER A 52 -28.37 -12.18 -5.73
N ALA A 53 -28.98 -12.78 -6.72
CA ALA A 53 -28.66 -14.14 -7.09
C ALA A 53 -27.28 -14.12 -7.68
N GLN A 54 -27.14 -13.15 -8.58
CA GLN A 54 -25.92 -12.87 -9.29
C GLN A 54 -24.69 -12.87 -8.34
N VAL A 55 -24.82 -12.09 -7.28
CA VAL A 55 -23.81 -12.07 -6.20
C VAL A 55 -23.66 -13.46 -5.51
N LYS A 56 -24.81 -14.13 -5.20
CA LYS A 56 -24.72 -15.42 -4.55
C LYS A 56 -23.86 -16.35 -5.38
N GLY A 57 -24.13 -16.32 -6.68
CA GLY A 57 -23.43 -17.23 -7.62
C GLY A 57 -21.99 -16.86 -7.71
N HIS A 58 -21.74 -15.57 -7.72
CA HIS A 58 -20.36 -15.21 -7.73
C HIS A 58 -19.68 -15.68 -6.39
N GLY A 59 -20.35 -15.53 -5.23
CA GLY A 59 -19.81 -15.96 -3.92
C GLY A 59 -19.33 -17.40 -4.02
N LYS A 60 -20.20 -18.22 -4.56
CA LYS A 60 -19.83 -19.63 -4.72
C LYS A 60 -18.52 -19.79 -5.54
N LYS A 61 -18.43 -19.05 -6.64
CA LYS A 61 -17.27 -19.15 -7.50
C LYS A 61 -16.04 -18.83 -6.70
N VAL A 62 -16.05 -17.68 -6.01
CA VAL A 62 -14.89 -17.29 -5.20
C VAL A 62 -14.61 -18.20 -4.03
N ALA A 63 -15.68 -18.60 -3.33
CA ALA A 63 -15.50 -19.57 -2.23
C ALA A 63 -14.76 -20.80 -2.79
N ASP A 64 -15.28 -21.33 -3.87
CA ASP A 64 -14.68 -22.49 -4.53
C ASP A 64 -13.22 -22.35 -4.83
N ALA A 65 -12.81 -21.14 -5.13
CA ALA A 65 -11.42 -21.00 -5.49
C ALA A 65 -10.47 -21.04 -4.31
N LEU A 66 -10.92 -20.44 -3.24
CA LEU A 66 -10.10 -20.28 -2.07
C LEU A 66 -9.84 -21.68 -1.64
N THR A 67 -10.82 -22.49 -1.96
CA THR A 67 -10.70 -23.87 -1.65
C THR A 67 -9.57 -24.62 -2.34
N ASN A 68 -9.64 -24.67 -3.66
CA ASN A 68 -8.62 -25.35 -4.43
C ASN A 68 -7.25 -24.74 -4.05
N ALA A 69 -7.29 -23.53 -3.53
CA ALA A 69 -6.08 -22.89 -3.16
C ALA A 69 -5.63 -23.48 -1.85
N VAL A 70 -6.56 -23.66 -0.90
CA VAL A 70 -6.18 -24.26 0.38
C VAL A 70 -5.57 -25.63 0.06
N ALA A 71 -6.29 -26.36 -0.78
CA ALA A 71 -5.89 -27.68 -1.26
C ALA A 71 -4.44 -27.69 -1.72
N HIS A 72 -4.13 -26.79 -2.64
CA HIS A 72 -2.79 -26.72 -3.20
C HIS A 72 -2.09 -25.60 -2.59
N VAL A 73 -2.23 -25.47 -1.27
CA VAL A 73 -1.64 -24.35 -0.55
C VAL A 73 -0.17 -24.29 -0.87
N ASP A 74 0.37 -25.44 -1.25
CA ASP A 74 1.77 -25.52 -1.63
C ASP A 74 1.98 -24.87 -2.98
N ASP A 75 1.37 -25.42 -4.01
CA ASP A 75 1.48 -24.84 -5.35
C ASP A 75 0.28 -24.06 -5.84
N MET A 76 -0.07 -22.95 -5.20
CA MET A 76 -1.17 -22.16 -5.72
C MET A 76 -0.86 -21.48 -7.07
N PRO A 77 0.41 -21.18 -7.34
CA PRO A 77 0.75 -20.58 -8.63
C PRO A 77 0.22 -21.38 -9.84
N ASN A 78 0.44 -22.70 -9.86
CA ASN A 78 -0.06 -23.50 -10.97
C ASN A 78 -1.56 -23.65 -10.68
N ALA A 79 -1.95 -23.43 -9.45
CA ALA A 79 -3.35 -23.58 -9.05
C ALA A 79 -4.24 -22.45 -9.47
N LEU A 80 -3.69 -21.27 -9.63
CA LEU A 80 -4.56 -20.13 -9.89
C LEU A 80 -4.30 -19.37 -11.17
N SER A 81 -3.33 -19.88 -11.96
CA SER A 81 -2.89 -19.31 -13.23
C SER A 81 -4.05 -18.76 -14.04
N ALA A 82 -5.03 -19.64 -14.23
CA ALA A 82 -6.26 -19.27 -14.88
C ALA A 82 -6.87 -17.96 -14.31
N LEU A 83 -7.05 -17.88 -12.98
CA LEU A 83 -7.59 -16.67 -12.35
C LEU A 83 -6.66 -15.42 -12.50
N SER A 84 -5.39 -15.62 -12.21
CA SER A 84 -4.42 -14.56 -12.38
C SER A 84 -4.47 -13.90 -13.78
N ASP A 85 -4.51 -14.70 -14.81
CA ASP A 85 -4.53 -14.15 -16.14
C ASP A 85 -5.78 -13.29 -16.23
N LEU A 86 -6.89 -13.87 -15.84
CA LEU A 86 -8.14 -13.22 -15.99
C LEU A 86 -8.23 -11.86 -15.28
N HIS A 87 -7.69 -11.85 -14.05
CA HIS A 87 -7.76 -10.65 -13.19
C HIS A 87 -6.74 -9.63 -13.60
N ALA A 88 -5.54 -10.11 -13.88
CA ALA A 88 -4.50 -9.20 -14.25
C ALA A 88 -4.70 -8.73 -15.72
N HIS A 89 -4.51 -9.61 -16.71
CA HIS A 89 -4.70 -9.22 -18.13
C HIS A 89 -6.14 -8.87 -18.54
N LYS A 90 -7.10 -9.76 -18.24
CA LYS A 90 -8.45 -9.43 -18.65
C LYS A 90 -9.13 -8.33 -17.88
N LEU A 91 -9.10 -8.33 -16.56
CA LEU A 91 -9.87 -7.28 -15.92
C LEU A 91 -9.17 -6.06 -15.42
N ARG A 92 -7.86 -6.20 -15.31
CA ARG A 92 -6.99 -5.17 -14.83
C ARG A 92 -7.53 -4.65 -13.55
N VAL A 93 -7.75 -5.58 -12.64
CA VAL A 93 -8.22 -5.14 -11.37
C VAL A 93 -7.06 -4.46 -10.75
N ASP A 94 -7.34 -3.34 -10.10
CA ASP A 94 -6.33 -2.61 -9.38
C ASP A 94 -5.95 -3.45 -8.14
N PRO A 95 -4.68 -3.81 -8.05
CA PRO A 95 -4.15 -4.60 -6.88
C PRO A 95 -4.75 -4.31 -5.46
N VAL A 96 -4.87 -3.08 -5.16
CA VAL A 96 -5.39 -2.65 -3.90
C VAL A 96 -6.71 -3.33 -3.51
N ASN A 97 -7.55 -3.58 -4.48
CA ASN A 97 -8.84 -4.15 -4.15
C ASN A 97 -8.75 -5.55 -3.59
N PHE A 98 -7.57 -6.16 -3.75
CA PHE A 98 -7.41 -7.48 -3.25
C PHE A 98 -7.37 -7.31 -1.71
N LYS A 99 -6.63 -6.29 -1.25
CA LYS A 99 -6.49 -6.02 0.17
C LYS A 99 -7.84 -5.82 0.69
N LEU A 100 -8.66 -5.19 -0.09
CA LEU A 100 -10.02 -4.98 0.45
C LEU A 100 -10.81 -6.25 0.62
N LEU A 101 -10.92 -6.99 -0.44
CA LEU A 101 -11.75 -8.19 -0.39
C LEU A 101 -11.18 -9.18 0.64
N SER A 102 -9.88 -9.16 0.84
CA SER A 102 -9.34 -10.05 1.83
C SER A 102 -9.82 -9.62 3.22
N HIS A 103 -9.74 -8.32 3.54
CA HIS A 103 -10.23 -7.81 4.87
C HIS A 103 -11.66 -8.34 5.08
N CYS A 104 -12.53 -8.10 4.11
CA CYS A 104 -13.90 -8.63 4.19
C CYS A 104 -13.97 -10.14 4.26
N LEU A 105 -12.90 -10.80 3.85
CA LEU A 105 -12.93 -12.22 3.97
C LEU A 105 -12.71 -12.53 5.48
N LEU A 106 -11.67 -11.89 6.04
CA LEU A 106 -11.28 -12.07 7.42
C LEU A 106 -12.47 -11.81 8.27
N VAL A 107 -13.08 -10.64 8.03
CA VAL A 107 -14.23 -10.22 8.73
C VAL A 107 -15.39 -11.20 8.53
N THR A 108 -15.47 -11.93 7.44
CA THR A 108 -16.60 -12.89 7.33
C THR A 108 -16.26 -14.16 8.20
N LEU A 109 -14.99 -14.58 8.13
CA LEU A 109 -14.45 -15.70 8.84
C LEU A 109 -14.67 -15.49 10.34
N ALA A 110 -14.14 -14.40 10.88
CA ALA A 110 -14.32 -14.02 12.30
C ALA A 110 -15.76 -14.15 12.85
N ALA A 111 -16.69 -13.57 12.13
CA ALA A 111 -18.12 -13.63 12.46
C ALA A 111 -18.75 -15.00 12.53
N HIS A 112 -18.17 -16.00 11.90
CA HIS A 112 -18.80 -17.31 11.88
C HIS A 112 -17.84 -18.29 12.62
N LEU A 113 -16.76 -17.82 13.26
CA LEU A 113 -15.86 -18.80 13.92
C LEU A 113 -15.41 -18.30 15.22
N PRO A 114 -16.39 -17.87 15.98
CA PRO A 114 -16.21 -17.32 17.31
C PRO A 114 -15.17 -18.09 18.12
N ALA A 115 -15.40 -19.35 18.32
CA ALA A 115 -14.41 -20.15 19.01
C ALA A 115 -13.14 -20.29 18.21
N GLU A 116 -13.26 -20.12 16.91
CA GLU A 116 -12.16 -20.47 16.09
C GLU A 116 -11.27 -19.36 15.60
N PHE A 117 -11.72 -18.14 15.73
CA PHE A 117 -10.88 -17.05 15.26
C PHE A 117 -9.80 -16.54 16.21
N THR A 118 -8.74 -17.32 16.40
CA THR A 118 -7.65 -16.92 17.31
C THR A 118 -6.65 -15.97 16.70
N PRO A 119 -5.95 -15.24 17.57
CA PRO A 119 -4.93 -14.29 17.11
C PRO A 119 -3.95 -15.02 16.15
N ALA A 120 -3.70 -16.28 16.43
CA ALA A 120 -2.77 -17.01 15.64
C ALA A 120 -3.41 -17.42 14.37
N VAL A 121 -4.60 -17.96 14.50
CA VAL A 121 -5.34 -18.37 13.32
C VAL A 121 -5.60 -17.14 12.44
N HIS A 122 -5.96 -16.05 13.08
CA HIS A 122 -6.24 -14.84 12.37
C HIS A 122 -5.00 -14.52 11.54
N ALA A 123 -3.84 -14.66 12.14
CA ALA A 123 -2.66 -14.31 11.42
C ALA A 123 -2.36 -15.24 10.25
N SER A 124 -2.58 -16.52 10.49
CA SER A 124 -2.33 -17.45 9.42
C SER A 124 -3.29 -17.27 8.24
N LEU A 125 -4.56 -16.96 8.53
CA LEU A 125 -5.60 -16.73 7.45
C LEU A 125 -5.27 -15.43 6.67
N ASP A 126 -4.76 -14.46 7.42
CA ASP A 126 -4.25 -13.24 6.82
C ASP A 126 -3.12 -13.53 5.80
N LYS A 127 -2.14 -14.41 6.10
CA LYS A 127 -1.04 -14.65 5.16
C LYS A 127 -1.48 -15.49 3.98
N PHE A 128 -2.39 -16.42 4.23
CA PHE A 128 -2.87 -17.28 3.16
C PHE A 128 -3.51 -16.42 2.06
N LEU A 129 -4.40 -15.56 2.52
CA LEU A 129 -5.15 -14.64 1.70
C LEU A 129 -4.24 -13.69 0.96
N ALA A 130 -3.20 -13.25 1.63
CA ALA A 130 -2.27 -12.32 1.04
C ALA A 130 -1.53 -13.01 -0.04
N SER A 131 -1.24 -14.27 0.20
CA SER A 131 -0.50 -15.00 -0.78
C SER A 131 -1.30 -15.14 -2.03
N VAL A 132 -2.55 -15.48 -1.84
CA VAL A 132 -3.43 -15.68 -2.95
C VAL A 132 -3.50 -14.42 -3.82
N SER A 133 -3.60 -13.30 -3.15
CA SER A 133 -3.69 -12.04 -3.83
C SER A 133 -2.49 -11.88 -4.70
N THR A 134 -1.37 -12.21 -4.13
CA THR A 134 -0.12 -12.15 -4.81
C THR A 134 -0.14 -12.91 -6.13
N VAL A 135 -0.49 -14.18 -6.06
CA VAL A 135 -0.62 -15.02 -7.23
C VAL A 135 -1.58 -14.27 -8.15
N LEU A 136 -2.68 -13.89 -7.57
CA LEU A 136 -3.69 -13.18 -8.32
C LEU A 136 -3.18 -11.92 -9.08
N THR A 137 -2.03 -11.42 -8.70
CA THR A 137 -1.66 -10.20 -9.35
C THR A 137 -0.28 -10.27 -9.88
N SER A 138 0.25 -11.49 -9.90
CA SER A 138 1.63 -11.74 -10.26
C SER A 138 1.91 -11.39 -11.71
N LYS A 139 0.88 -11.38 -12.54
CA LYS A 139 1.08 -10.97 -13.93
C LYS A 139 1.42 -9.50 -14.03
N TYR A 140 1.24 -8.72 -12.98
CA TYR A 140 1.59 -7.30 -13.06
C TYR A 140 3.10 -7.21 -12.78
N ARG A 141 3.73 -8.40 -12.89
CA ARG A 141 5.18 -8.62 -12.73
C ARG A 141 5.81 -9.41 -13.91
N VAL B 1 -16.66 11.97 10.31
CA VAL B 1 -17.53 11.18 9.44
C VAL B 1 -18.94 11.72 9.29
N HIS B 2 -19.52 11.34 8.17
CA HIS B 2 -20.89 11.68 7.90
C HIS B 2 -21.76 10.76 8.75
N LEU B 3 -22.11 9.61 8.19
CA LEU B 3 -22.91 8.61 8.88
C LEU B 3 -24.37 8.90 8.96
N THR B 4 -25.14 8.33 8.07
CA THR B 4 -26.57 8.51 8.16
C THR B 4 -27.05 7.98 9.49
N PRO B 5 -28.04 8.67 10.03
CA PRO B 5 -28.56 8.41 11.35
C PRO B 5 -28.95 6.99 11.65
N GLU B 6 -29.10 6.20 10.61
CA GLU B 6 -29.40 4.82 10.86
C GLU B 6 -28.00 4.22 11.11
N GLU B 7 -26.97 4.79 10.47
CA GLU B 7 -25.62 4.32 10.74
C GLU B 7 -25.26 4.75 12.14
N LYS B 8 -25.55 6.03 12.36
CA LYS B 8 -25.42 6.68 13.64
C LYS B 8 -25.88 5.81 14.80
N SER B 9 -27.13 5.35 14.65
CA SER B 9 -27.77 4.51 15.67
C SER B 9 -26.98 3.22 15.84
N ALA B 10 -26.91 2.53 14.71
CA ALA B 10 -26.26 1.27 14.53
C ALA B 10 -24.97 1.19 15.28
N VAL B 11 -24.07 2.08 14.86
CA VAL B 11 -22.73 2.10 15.39
C VAL B 11 -22.84 2.14 16.89
N THR B 12 -23.31 3.30 17.29
CA THR B 12 -23.51 3.70 18.64
C THR B 12 -24.06 2.53 19.47
N ALA B 13 -25.22 2.04 19.05
CA ALA B 13 -25.83 0.93 19.68
C ALA B 13 -24.90 -0.25 19.83
N LEU B 14 -23.99 -0.44 18.90
CA LEU B 14 -23.12 -1.57 19.01
C LEU B 14 -22.17 -1.39 20.15
N TRP B 15 -21.48 -0.25 20.11
CA TRP B 15 -20.44 0.10 21.07
C TRP B 15 -20.81 -0.07 22.51
N GLY B 16 -22.10 0.11 22.75
CA GLY B 16 -22.64 0.08 24.11
C GLY B 16 -22.55 -1.28 24.78
N LYS B 17 -22.25 -2.28 23.98
CA LYS B 17 -22.15 -3.63 24.47
C LYS B 17 -20.72 -4.06 24.45
N VAL B 18 -19.80 -3.14 24.22
CA VAL B 18 -18.42 -3.53 24.14
C VAL B 18 -17.64 -3.45 25.41
N ASN B 19 -17.12 -4.61 25.83
CA ASN B 19 -16.30 -4.63 27.02
C ASN B 19 -14.92 -3.99 26.80
N VAL B 20 -14.85 -2.71 27.03
CA VAL B 20 -13.64 -2.01 26.83
C VAL B 20 -12.38 -2.53 27.46
N ASP B 21 -12.54 -3.09 28.64
CA ASP B 21 -11.37 -3.64 29.30
C ASP B 21 -10.84 -4.71 28.38
N GLU B 22 -11.72 -5.34 27.61
CA GLU B 22 -11.29 -6.46 26.83
C GLU B 22 -11.13 -6.38 25.32
N VAL B 23 -11.91 -5.53 24.70
CA VAL B 23 -11.81 -5.38 23.26
C VAL B 23 -10.53 -4.59 22.95
N GLY B 24 -10.30 -3.55 23.76
CA GLY B 24 -9.05 -2.76 23.63
C GLY B 24 -7.76 -3.63 23.48
N GLY B 25 -7.68 -4.70 24.25
CA GLY B 25 -6.52 -5.60 24.19
C GLY B 25 -6.50 -6.48 22.95
N GLU B 26 -7.66 -7.08 22.63
CA GLU B 26 -7.83 -8.04 21.51
C GLU B 26 -7.20 -7.35 20.29
N ALA B 27 -7.69 -6.13 20.07
CA ALA B 27 -7.31 -5.26 19.02
C ALA B 27 -5.80 -5.02 19.00
N LEU B 28 -5.31 -4.32 20.00
CA LEU B 28 -3.91 -3.94 19.97
C LEU B 28 -3.01 -5.12 19.91
N GLY B 29 -3.40 -6.12 20.66
CA GLY B 29 -2.63 -7.34 20.69
C GLY B 29 -2.59 -8.04 19.32
N ARG B 30 -3.74 -8.15 18.68
CA ARG B 30 -3.79 -8.80 17.35
C ARG B 30 -2.98 -8.02 16.28
N LEU B 31 -3.03 -6.69 16.35
CA LEU B 31 -2.20 -5.88 15.49
C LEU B 31 -0.72 -6.24 15.71
N LEU B 32 -0.31 -6.39 16.97
CA LEU B 32 1.08 -6.74 17.24
C LEU B 32 1.42 -8.15 16.76
N VAL B 33 0.43 -9.01 16.66
CA VAL B 33 0.70 -10.37 16.19
C VAL B 33 0.59 -10.55 14.65
N VAL B 34 -0.37 -9.80 14.07
CA VAL B 34 -0.63 -9.84 12.64
C VAL B 34 0.37 -9.02 11.80
N TYR B 35 0.72 -7.80 12.28
CA TYR B 35 1.62 -6.91 11.61
C TYR B 35 2.72 -6.53 12.57
N PRO B 36 3.60 -7.52 12.62
CA PRO B 36 4.74 -7.65 13.52
C PRO B 36 5.80 -6.56 13.40
N TRP B 37 5.84 -5.87 12.26
CA TRP B 37 6.78 -4.75 12.19
C TRP B 37 6.24 -3.73 13.28
N THR B 38 4.95 -3.83 13.69
CA THR B 38 4.39 -2.89 14.69
C THR B 38 5.00 -2.92 16.11
N GLN B 39 5.54 -4.09 16.41
CA GLN B 39 6.19 -4.36 17.64
C GLN B 39 7.26 -3.35 17.93
N ARG B 40 8.02 -2.98 16.93
CA ARG B 40 9.15 -2.06 17.18
C ARG B 40 8.78 -0.83 17.90
N PHE B 41 7.50 -0.56 17.89
CA PHE B 41 7.06 0.60 18.62
C PHE B 41 6.87 0.26 20.09
N PHE B 42 6.90 -1.02 20.44
CA PHE B 42 6.59 -1.36 21.83
C PHE B 42 7.62 -2.30 22.43
N GLU B 43 8.87 -1.97 22.20
CA GLU B 43 9.98 -2.78 22.66
C GLU B 43 9.77 -3.00 24.12
N SER B 44 9.47 -1.87 24.75
CA SER B 44 9.18 -1.68 26.17
C SER B 44 8.15 -2.65 26.84
N PHE B 45 7.08 -3.03 26.14
CA PHE B 45 6.11 -3.94 26.75
C PHE B 45 6.67 -5.27 27.13
N GLY B 46 7.89 -5.55 26.68
CA GLY B 46 8.57 -6.78 27.03
C GLY B 46 8.37 -7.86 26.01
N ASP B 47 8.13 -9.06 26.51
CA ASP B 47 7.96 -10.20 25.63
C ASP B 47 6.68 -10.09 24.78
N LEU B 48 6.90 -10.18 23.47
CA LEU B 48 5.88 -10.04 22.44
C LEU B 48 6.13 -11.17 21.46
N SER B 49 7.02 -12.06 21.88
CA SER B 49 7.48 -13.23 21.11
C SER B 49 6.40 -13.97 20.43
N THR B 50 5.27 -14.07 21.06
CA THR B 50 4.36 -14.99 20.50
C THR B 50 3.01 -14.46 20.76
N PRO B 51 2.08 -15.10 20.07
CA PRO B 51 0.67 -14.77 20.13
C PRO B 51 0.37 -14.80 21.58
N ASP B 52 0.69 -15.91 22.21
CA ASP B 52 0.44 -16.01 23.65
C ASP B 52 1.24 -15.03 24.48
N ALA B 53 2.49 -14.84 24.06
CA ALA B 53 3.36 -13.90 24.74
C ALA B 53 2.63 -12.59 24.66
N VAL B 54 2.24 -12.27 23.42
CA VAL B 54 1.52 -11.03 23.11
C VAL B 54 0.14 -10.79 23.84
N MET B 55 -0.75 -11.78 23.77
CA MET B 55 -2.06 -11.72 24.42
C MET B 55 -2.06 -11.66 25.97
N GLY B 56 -1.20 -12.43 26.61
CA GLY B 56 -1.09 -12.34 28.08
C GLY B 56 -0.32 -11.09 28.56
N ASN B 57 0.32 -10.37 27.68
CA ASN B 57 1.00 -9.22 28.19
C ASN B 57 0.03 -8.18 28.67
N PRO B 58 0.08 -7.93 29.94
CA PRO B 58 -0.72 -6.91 30.58
C PRO B 58 -0.47 -5.59 30.02
N LYS B 59 0.80 -5.30 29.81
CA LYS B 59 1.21 -3.96 29.39
C LYS B 59 0.41 -3.68 28.16
N VAL B 60 0.38 -4.69 27.33
CA VAL B 60 -0.31 -4.58 26.09
C VAL B 60 -1.77 -4.29 26.42
N LYS B 61 -2.39 -5.22 27.15
CA LYS B 61 -3.80 -5.07 27.52
C LYS B 61 -4.12 -3.71 28.14
N ALA B 62 -3.20 -3.26 28.96
CA ALA B 62 -3.34 -2.00 29.62
C ALA B 62 -3.49 -0.97 28.54
N HIS B 63 -2.51 -0.90 27.66
CA HIS B 63 -2.50 0.06 26.54
C HIS B 63 -3.72 -0.02 25.61
N GLY B 64 -4.08 -1.24 25.21
CA GLY B 64 -5.30 -1.42 24.43
C GLY B 64 -6.54 -0.71 25.05
N LYS B 65 -6.54 -0.56 26.36
CA LYS B 65 -7.67 0.07 27.02
C LYS B 65 -7.66 1.54 26.66
N LYS B 66 -6.46 2.11 26.66
CA LYS B 66 -6.25 3.53 26.33
C LYS B 66 -6.75 3.86 24.90
N VAL B 67 -6.45 2.96 23.95
CA VAL B 67 -6.83 3.09 22.55
C VAL B 67 -8.34 3.11 22.26
N LEU B 68 -9.11 2.16 22.81
CA LEU B 68 -10.58 2.18 22.65
C LEU B 68 -11.16 3.37 23.41
N GLY B 69 -10.41 3.86 24.38
CA GLY B 69 -10.80 5.07 25.10
C GLY B 69 -10.99 6.15 24.02
N ALA B 70 -9.85 6.55 23.41
CA ALA B 70 -9.82 7.52 22.32
C ALA B 70 -10.89 7.13 21.28
N PHE B 71 -11.01 5.84 20.97
CA PHE B 71 -12.07 5.41 20.10
C PHE B 71 -13.47 5.91 20.47
N SER B 72 -13.92 5.66 21.70
CA SER B 72 -15.26 6.12 22.10
C SER B 72 -15.33 7.64 22.07
N ASP B 73 -14.29 8.22 22.60
CA ASP B 73 -14.03 9.63 22.63
C ASP B 73 -14.28 10.15 21.20
N GLY B 74 -13.51 9.65 20.24
CA GLY B 74 -13.69 10.12 18.92
C GLY B 74 -15.10 9.82 18.43
N LEU B 75 -15.53 8.60 18.69
CA LEU B 75 -16.82 8.09 18.25
C LEU B 75 -17.91 9.05 18.61
N ALA B 76 -17.76 9.57 19.82
CA ALA B 76 -18.73 10.50 20.36
C ALA B 76 -18.78 11.80 19.57
N HIS B 77 -17.65 12.16 18.95
CA HIS B 77 -17.53 13.45 18.29
C HIS B 77 -17.23 13.32 16.85
N LEU B 78 -17.96 12.43 16.19
CA LEU B 78 -17.83 12.21 14.74
C LEU B 78 -17.82 13.56 13.98
N ASP B 79 -18.69 14.46 14.42
CA ASP B 79 -18.82 15.79 13.87
C ASP B 79 -17.47 16.48 13.78
N ASN B 80 -16.64 16.25 14.78
CA ASN B 80 -15.40 16.95 14.79
C ASN B 80 -14.31 16.06 15.32
N LEU B 81 -13.91 15.12 14.48
CA LEU B 81 -12.83 14.26 14.86
C LEU B 81 -11.53 15.05 15.11
N LYS B 82 -11.16 15.94 14.18
CA LYS B 82 -9.91 16.73 14.31
C LYS B 82 -9.62 17.28 15.71
N GLY B 83 -10.62 17.93 16.30
CA GLY B 83 -10.46 18.39 17.66
C GLY B 83 -10.13 17.23 18.61
N THR B 84 -10.91 16.16 18.56
CA THR B 84 -10.67 15.05 19.47
C THR B 84 -9.23 14.50 19.45
N PHE B 85 -8.65 14.37 18.26
CA PHE B 85 -7.34 13.69 18.06
C PHE B 85 -6.16 14.54 17.84
N ALA B 86 -6.34 15.81 18.18
CA ALA B 86 -5.31 16.80 17.99
C ALA B 86 -3.96 16.32 18.46
N THR B 87 -3.90 16.08 19.75
CA THR B 87 -2.69 15.66 20.45
C THR B 87 -2.21 14.32 19.98
N LEU B 88 -3.15 13.61 19.37
CA LEU B 88 -2.89 12.28 18.91
C LEU B 88 -1.97 12.28 17.68
N SER B 89 -2.42 12.97 16.62
CA SER B 89 -1.69 13.18 15.38
C SER B 89 -0.24 13.54 15.72
N GLU B 90 -0.11 14.40 16.72
CA GLU B 90 1.20 14.86 17.18
C GLU B 90 2.10 13.73 17.64
N LEU B 91 1.67 13.12 18.73
CA LEU B 91 2.41 12.03 19.36
C LEU B 91 2.79 11.02 18.28
N HIS B 92 1.77 10.62 17.55
CA HIS B 92 1.90 9.62 16.51
C HIS B 92 2.74 10.03 15.28
N CYS B 93 2.30 11.07 14.56
CA CYS B 93 3.04 11.56 13.39
C CYS B 93 4.33 12.27 13.80
N ASP B 94 4.22 13.24 14.70
CA ASP B 94 5.39 13.99 15.16
C ASP B 94 6.38 13.27 16.03
N LYS B 95 5.98 12.76 17.20
CA LYS B 95 7.00 12.14 18.06
C LYS B 95 7.39 10.72 17.73
N LEU B 96 6.39 9.86 17.50
CA LEU B 96 6.66 8.45 17.24
C LEU B 96 7.03 8.19 15.81
N HIS B 97 6.53 9.06 14.93
CA HIS B 97 6.77 8.95 13.50
C HIS B 97 6.23 7.62 13.02
N VAL B 98 4.96 7.36 13.30
CA VAL B 98 4.38 6.09 12.89
C VAL B 98 3.77 6.20 11.53
N ASP B 99 4.07 5.26 10.66
CA ASP B 99 3.41 5.36 9.39
C ASP B 99 1.89 5.26 9.47
N PRO B 100 1.28 6.16 8.72
CA PRO B 100 -0.17 6.29 8.72
C PRO B 100 -0.93 5.08 8.18
N GLU B 101 -0.29 4.32 7.33
CA GLU B 101 -0.96 3.15 6.81
C GLU B 101 -1.23 2.22 8.02
N ASN B 102 -0.38 2.33 9.03
CA ASN B 102 -0.59 1.48 10.21
C ASN B 102 -1.86 1.82 10.95
N PHE B 103 -2.15 3.12 10.98
CA PHE B 103 -3.35 3.55 11.66
C PHE B 103 -4.45 2.84 10.91
N ARG B 104 -4.32 2.78 9.61
CA ARG B 104 -5.32 2.13 8.80
C ARG B 104 -5.51 0.71 9.26
N LEU B 105 -4.37 0.07 9.57
CA LEU B 105 -4.38 -1.33 10.04
C LEU B 105 -5.12 -1.57 11.35
N LEU B 106 -4.77 -0.76 12.36
CA LEU B 106 -5.46 -0.82 13.63
C LEU B 106 -6.98 -0.79 13.42
N GLY B 107 -7.45 0.09 12.55
CA GLY B 107 -8.90 0.10 12.34
C GLY B 107 -9.49 -1.25 11.84
N ASN B 108 -8.75 -1.91 10.98
CA ASN B 108 -9.33 -3.09 10.40
C ASN B 108 -9.30 -4.20 11.39
N VAL B 109 -8.22 -4.26 12.16
CA VAL B 109 -8.26 -5.29 13.19
C VAL B 109 -9.36 -5.01 14.20
N LEU B 110 -9.58 -3.76 14.57
CA LEU B 110 -10.72 -3.44 15.43
C LEU B 110 -12.02 -3.96 14.81
N VAL B 111 -12.12 -3.77 13.51
CA VAL B 111 -13.30 -4.28 12.86
C VAL B 111 -13.40 -5.78 12.94
N CYS B 112 -12.30 -6.42 12.60
CA CYS B 112 -12.26 -7.84 12.69
C CYS B 112 -12.65 -8.36 14.11
N VAL B 113 -12.25 -7.61 15.12
CA VAL B 113 -12.55 -8.03 16.50
C VAL B 113 -14.02 -7.96 16.85
N LEU B 114 -14.62 -6.83 16.47
CA LEU B 114 -16.03 -6.62 16.68
C LEU B 114 -16.73 -7.77 16.02
N ALA B 115 -16.27 -8.11 14.85
CA ALA B 115 -16.93 -9.16 14.13
C ALA B 115 -16.78 -10.41 14.94
N HIS B 116 -15.60 -10.58 15.53
CA HIS B 116 -15.36 -11.78 16.33
C HIS B 116 -16.29 -11.81 17.54
N HIS B 117 -16.48 -10.67 18.17
CA HIS B 117 -17.34 -10.67 19.29
C HIS B 117 -18.77 -10.77 19.00
N PHE B 118 -19.31 -9.91 18.12
CA PHE B 118 -20.76 -9.96 17.85
C PHE B 118 -21.32 -10.91 16.87
N GLY B 119 -20.45 -11.59 16.14
CA GLY B 119 -20.89 -12.54 15.09
C GLY B 119 -21.87 -11.91 14.09
N LYS B 120 -22.99 -12.57 13.90
CA LYS B 120 -24.02 -12.13 12.97
C LYS B 120 -24.60 -10.78 13.28
N GLU B 121 -24.54 -10.40 14.54
CA GLU B 121 -24.99 -9.10 14.95
C GLU B 121 -24.15 -8.06 14.19
N PHE B 122 -22.95 -8.44 13.78
CA PHE B 122 -22.10 -7.49 13.06
C PHE B 122 -22.33 -7.63 11.55
N THR B 123 -23.33 -6.91 11.09
CA THR B 123 -23.73 -7.01 9.71
C THR B 123 -22.95 -6.09 8.80
N PRO B 124 -22.91 -6.55 7.56
CA PRO B 124 -22.25 -5.84 6.44
C PRO B 124 -22.51 -4.33 6.51
N PRO B 125 -23.77 -4.00 6.69
CA PRO B 125 -24.12 -2.58 6.79
C PRO B 125 -23.46 -1.99 8.00
N VAL B 126 -23.54 -2.71 9.10
CA VAL B 126 -22.93 -2.14 10.31
C VAL B 126 -21.44 -2.03 10.08
N GLN B 127 -20.90 -3.07 9.45
CA GLN B 127 -19.49 -3.06 9.23
C GLN B 127 -19.13 -1.85 8.39
N ALA B 128 -19.98 -1.65 7.41
CA ALA B 128 -19.76 -0.49 6.50
C ALA B 128 -19.68 0.78 7.36
N ALA B 129 -20.70 0.97 8.20
CA ALA B 129 -20.69 2.14 9.06
C ALA B 129 -19.44 2.34 9.88
N TYR B 130 -18.92 1.27 10.48
CA TYR B 130 -17.74 1.45 11.36
C TYR B 130 -16.55 1.75 10.49
N GLN B 131 -16.55 1.03 9.34
CA GLN B 131 -15.49 1.23 8.34
C GLN B 131 -15.40 2.69 8.09
N LYS B 132 -16.53 3.40 8.06
CA LYS B 132 -16.37 4.87 7.90
C LYS B 132 -15.84 5.50 9.18
N VAL B 133 -16.23 4.99 10.33
CA VAL B 133 -15.73 5.60 11.53
C VAL B 133 -14.26 5.46 11.59
N VAL B 134 -13.84 4.28 11.23
CA VAL B 134 -12.43 4.03 11.25
C VAL B 134 -11.51 4.88 10.36
N ALA B 135 -11.94 5.00 9.11
CA ALA B 135 -11.13 5.75 8.19
C ALA B 135 -11.09 7.17 8.75
N GLY B 136 -12.26 7.67 9.13
CA GLY B 136 -12.38 9.01 9.70
C GLY B 136 -11.36 9.22 10.81
N VAL B 137 -11.28 8.26 11.73
CA VAL B 137 -10.29 8.41 12.79
C VAL B 137 -8.87 8.44 12.26
N ALA B 138 -8.56 7.38 11.51
CA ALA B 138 -7.26 7.19 10.90
C ALA B 138 -6.79 8.54 10.28
N ASN B 139 -7.68 9.14 9.51
CA ASN B 139 -7.34 10.36 8.87
C ASN B 139 -7.01 11.42 9.83
N ALA B 140 -7.80 11.48 10.89
CA ALA B 140 -7.58 12.53 11.84
C ALA B 140 -6.17 12.44 12.40
N LEU B 141 -5.74 11.23 12.78
CA LEU B 141 -4.40 11.10 13.36
C LEU B 141 -3.25 11.33 12.43
N ALA B 142 -3.55 11.34 11.14
CA ALA B 142 -2.53 11.54 10.13
C ALA B 142 -2.32 13.04 9.89
N HIS B 143 -3.41 13.82 9.81
CA HIS B 143 -3.42 15.27 9.70
C HIS B 143 -2.11 16.03 9.91
N LYS B 144 -1.42 15.73 11.02
CA LYS B 144 -0.12 16.33 11.35
C LYS B 144 1.00 15.64 10.61
N TYR B 145 0.65 15.27 9.40
CA TYR B 145 1.53 14.66 8.45
C TYR B 145 1.04 15.45 7.21
N HIS B 146 0.09 16.35 7.49
CA HIS B 146 -0.59 17.22 6.51
C HIS B 146 -1.58 16.55 5.51
N VAL C 1 8.23 -14.32 -11.76
CA VAL C 1 7.82 -13.11 -12.50
C VAL C 1 8.92 -12.11 -12.57
N LEU C 2 9.93 -12.60 -13.23
CA LEU C 2 11.15 -11.94 -13.57
C LEU C 2 11.33 -12.86 -14.77
N SER C 3 10.76 -12.41 -15.87
CA SER C 3 10.90 -13.12 -17.11
C SER C 3 12.32 -12.86 -17.56
N PRO C 4 12.72 -13.64 -18.53
CA PRO C 4 14.05 -13.48 -19.08
C PRO C 4 14.21 -12.08 -19.62
N ALA C 5 13.25 -11.68 -20.46
CA ALA C 5 13.26 -10.33 -21.05
C ALA C 5 13.61 -9.36 -19.94
N ASP C 6 12.94 -9.60 -18.83
CA ASP C 6 13.10 -8.83 -17.62
C ASP C 6 14.57 -8.98 -17.13
N LYS C 7 14.97 -10.21 -16.83
CA LYS C 7 16.30 -10.40 -16.26
C LYS C 7 17.41 -9.75 -17.08
N THR C 8 17.18 -9.79 -18.37
CA THR C 8 18.12 -9.24 -19.27
C THR C 8 18.30 -7.80 -19.10
N ASN C 9 17.15 -7.15 -19.19
CA ASN C 9 17.18 -5.74 -19.02
C ASN C 9 17.84 -5.37 -17.71
N VAL C 10 17.50 -6.08 -16.63
CA VAL C 10 18.04 -5.76 -15.33
C VAL C 10 19.51 -5.80 -15.42
N LYS C 11 19.92 -6.93 -15.96
CA LYS C 11 21.32 -7.20 -16.13
C LYS C 11 22.02 -6.07 -16.83
N ALA C 12 21.47 -5.64 -17.94
CA ALA C 12 22.17 -4.63 -18.67
C ALA C 12 22.42 -3.32 -17.96
N ALA C 13 21.39 -2.90 -17.22
CA ALA C 13 21.35 -1.62 -16.52
C ALA C 13 22.31 -1.68 -15.39
N TRP C 14 22.20 -2.75 -14.67
CA TRP C 14 23.12 -2.87 -13.59
C TRP C 14 24.53 -3.00 -14.20
N GLY C 15 24.54 -3.65 -15.37
CA GLY C 15 25.76 -3.87 -16.13
C GLY C 15 26.41 -2.50 -16.29
N LYS C 16 25.70 -1.60 -16.99
CA LYS C 16 26.13 -0.24 -17.23
C LYS C 16 26.43 0.52 -15.93
N VAL C 17 25.99 -0.05 -14.81
CA VAL C 17 26.21 0.60 -13.52
C VAL C 17 27.67 0.49 -13.10
N GLY C 18 28.17 -0.75 -13.15
CA GLY C 18 29.53 -1.03 -12.71
C GLY C 18 29.90 -0.45 -11.35
N ALA C 19 31.10 0.12 -11.29
CA ALA C 19 31.75 0.69 -10.09
C ALA C 19 31.01 1.78 -9.38
N HIS C 20 30.23 2.48 -10.18
CA HIS C 20 29.48 3.57 -9.64
C HIS C 20 28.47 3.08 -8.66
N ALA C 21 28.21 1.76 -8.73
CA ALA C 21 27.30 1.08 -7.83
C ALA C 21 27.30 1.63 -6.37
N GLY C 22 28.49 1.70 -5.79
CA GLY C 22 28.63 2.24 -4.45
C GLY C 22 28.09 3.65 -4.33
N GLU C 23 28.57 4.54 -5.19
CA GLU C 23 28.12 5.91 -5.11
C GLU C 23 26.69 5.99 -5.51
N TYR C 24 26.25 5.14 -6.42
CA TYR C 24 24.84 5.25 -6.80
C TYR C 24 23.98 4.87 -5.61
N GLY C 25 24.37 3.77 -4.98
CA GLY C 25 23.69 3.25 -3.80
C GLY C 25 23.67 4.34 -2.76
N ALA C 26 24.80 4.99 -2.58
CA ALA C 26 24.84 6.06 -1.60
C ALA C 26 23.87 7.13 -2.00
N GLU C 27 23.86 7.41 -3.31
CA GLU C 27 22.99 8.45 -3.82
C GLU C 27 21.52 8.23 -3.47
N ALA C 28 21.05 7.04 -3.75
CA ALA C 28 19.66 6.72 -3.43
C ALA C 28 19.35 6.95 -1.94
N LEU C 29 20.27 6.59 -1.03
CA LEU C 29 19.93 6.78 0.39
C LEU C 29 19.70 8.20 0.76
N GLU C 30 20.72 8.98 0.47
CA GLU C 30 20.65 10.41 0.76
C GLU C 30 19.40 11.03 0.19
N ARG C 31 19.03 10.59 -1.01
CA ARG C 31 17.84 11.03 -1.77
C ARG C 31 16.63 10.64 -0.96
N MET C 32 16.67 9.39 -0.46
CA MET C 32 15.63 8.84 0.37
C MET C 32 15.49 9.57 1.70
N PHE C 33 16.62 9.77 2.41
CA PHE C 33 16.58 10.42 3.72
C PHE C 33 16.08 11.81 3.50
N LEU C 34 16.52 12.39 2.41
CA LEU C 34 16.11 13.73 2.14
C LEU C 34 14.64 13.81 1.76
N SER C 35 14.19 12.93 0.85
CA SER C 35 12.76 12.98 0.46
C SER C 35 11.82 12.32 1.48
N PHE C 36 12.30 11.37 2.29
CA PHE C 36 11.43 10.76 3.28
C PHE C 36 12.10 10.67 4.63
N PRO C 37 12.09 11.80 5.34
CA PRO C 37 12.81 12.02 6.65
C PRO C 37 12.59 10.91 7.68
N THR C 38 11.32 10.55 7.76
CA THR C 38 10.83 9.47 8.58
C THR C 38 11.72 8.26 8.52
N THR C 39 12.48 8.12 7.47
CA THR C 39 13.26 6.89 7.43
C THR C 39 14.55 7.05 8.19
N LYS C 40 14.86 8.31 8.54
CA LYS C 40 16.14 8.62 9.23
C LYS C 40 16.07 7.84 10.53
N THR C 41 14.83 7.74 10.98
CA THR C 41 14.43 7.05 12.17
C THR C 41 15.10 5.68 12.37
N TYR C 42 15.52 5.07 11.29
CA TYR C 42 16.20 3.83 11.49
C TYR C 42 17.71 3.95 11.58
N PHE C 43 18.21 5.18 11.49
CA PHE C 43 19.63 5.41 11.42
C PHE C 43 20.11 6.42 12.41
N PRO C 44 19.74 6.20 13.65
CA PRO C 44 20.11 7.06 14.80
C PRO C 44 21.64 7.22 15.02
N HIS C 45 22.30 6.07 15.06
CA HIS C 45 23.72 5.96 15.26
C HIS C 45 24.47 6.55 14.10
N PHE C 46 23.72 6.96 13.08
CA PHE C 46 24.31 7.48 11.88
C PHE C 46 24.47 8.94 11.75
N ASP C 47 25.46 9.28 10.92
CA ASP C 47 25.77 10.64 10.45
C ASP C 47 25.04 10.64 9.14
N LEU C 48 23.94 11.36 9.10
CA LEU C 48 23.09 11.39 7.94
C LEU C 48 23.24 12.75 7.28
N SER C 49 24.47 13.27 7.33
CA SER C 49 24.84 14.57 6.75
C SER C 49 25.16 14.45 5.26
N HIS C 50 25.26 15.59 4.57
CA HIS C 50 25.57 15.51 3.15
C HIS C 50 26.73 14.62 2.69
N GLY C 51 27.78 14.48 3.47
CA GLY C 51 28.85 13.62 3.00
C GLY C 51 29.26 12.59 4.05
N SER C 52 28.31 11.81 4.59
CA SER C 52 28.70 10.88 5.63
C SER C 52 29.49 9.69 5.10
N ALA C 53 30.65 9.41 5.68
CA ALA C 53 31.41 8.27 5.17
C ALA C 53 30.66 7.05 5.55
N GLN C 54 29.67 7.23 6.41
CA GLN C 54 28.85 6.15 6.87
C GLN C 54 27.87 5.88 5.72
N VAL C 55 27.25 6.97 5.34
CA VAL C 55 26.29 6.89 4.28
C VAL C 55 27.00 6.41 3.04
N LYS C 56 28.23 6.88 2.85
CA LYS C 56 29.04 6.45 1.72
C LYS C 56 29.23 4.96 1.85
N GLY C 57 29.66 4.59 3.05
CA GLY C 57 29.94 3.21 3.40
C GLY C 57 28.74 2.29 3.28
N HIS C 58 27.56 2.73 3.73
CA HIS C 58 26.35 1.87 3.64
C HIS C 58 25.93 1.66 2.15
N GLY C 59 25.94 2.78 1.39
CA GLY C 59 25.57 2.81 -0.03
C GLY C 59 26.25 1.64 -0.76
N LYS C 60 27.52 1.44 -0.45
CA LYS C 60 28.24 0.37 -1.09
C LYS C 60 27.61 -0.98 -0.72
N LYS C 61 27.43 -1.16 0.59
CA LYS C 61 26.89 -2.41 1.10
C LYS C 61 25.59 -2.80 0.38
N VAL C 62 24.67 -1.84 0.36
CA VAL C 62 23.35 -1.97 -0.28
C VAL C 62 23.49 -2.39 -1.72
N ALA C 63 24.33 -1.62 -2.42
CA ALA C 63 24.58 -1.85 -3.84
C ALA C 63 25.12 -3.25 -4.02
N ASP C 64 26.11 -3.55 -3.20
CA ASP C 64 26.81 -4.85 -3.27
C ASP C 64 25.80 -5.95 -3.18
N ALA C 65 24.84 -5.74 -2.27
CA ALA C 65 23.76 -6.68 -2.05
C ALA C 65 22.87 -6.68 -3.27
N LEU C 66 22.63 -5.50 -3.84
CA LEU C 66 21.82 -5.42 -5.06
C LEU C 66 22.48 -6.23 -6.20
N THR C 67 23.79 -6.06 -6.37
CA THR C 67 24.51 -6.74 -7.44
C THR C 67 24.41 -8.21 -7.36
N ASN C 68 24.60 -8.62 -6.14
CA ASN C 68 24.53 -10.00 -5.78
C ASN C 68 23.14 -10.54 -6.14
N ALA C 69 22.10 -9.77 -5.86
CA ALA C 69 20.75 -10.27 -6.15
C ALA C 69 20.59 -10.42 -7.61
N VAL C 70 21.16 -9.43 -8.28
CA VAL C 70 21.04 -9.40 -9.70
C VAL C 70 21.60 -10.72 -10.14
N ALA C 71 22.83 -10.97 -9.72
CA ALA C 71 23.53 -12.20 -10.06
C ALA C 71 22.78 -13.52 -9.78
N HIS C 72 22.12 -13.64 -8.63
CA HIS C 72 21.35 -14.86 -8.32
C HIS C 72 19.89 -14.52 -8.45
N VAL C 73 19.58 -13.75 -9.47
CA VAL C 73 18.24 -13.31 -9.73
C VAL C 73 17.05 -14.29 -9.57
N ASP C 74 17.29 -15.59 -9.73
CA ASP C 74 16.21 -16.59 -9.62
C ASP C 74 16.35 -17.36 -8.31
N ASP C 75 17.29 -16.90 -7.49
CA ASP C 75 17.53 -17.50 -6.19
C ASP C 75 17.64 -16.44 -5.11
N MET C 76 16.99 -15.32 -5.35
CA MET C 76 17.01 -14.20 -4.40
C MET C 76 16.74 -14.66 -2.98
N PRO C 77 15.57 -15.29 -2.81
CA PRO C 77 15.07 -15.78 -1.53
C PRO C 77 16.18 -16.47 -0.88
N ASN C 78 17.00 -17.12 -1.68
CA ASN C 78 18.14 -17.66 -1.03
C ASN C 78 19.34 -16.73 -0.92
N ALA C 79 19.72 -16.10 -2.00
CA ALA C 79 20.84 -15.19 -1.88
C ALA C 79 20.60 -14.05 -0.87
N LEU C 80 19.35 -13.78 -0.51
CA LEU C 80 19.06 -12.72 0.46
C LEU C 80 18.67 -13.06 1.92
N SER C 81 18.57 -14.37 2.22
CA SER C 81 18.16 -14.86 3.56
C SER C 81 18.58 -14.04 4.76
N ALA C 82 19.87 -13.93 4.94
CA ALA C 82 20.42 -13.21 6.07
C ALA C 82 19.80 -11.80 6.24
N LEU C 83 19.77 -11.09 5.11
CA LEU C 83 19.29 -9.74 5.05
C LEU C 83 17.83 -9.70 5.41
N SER C 84 17.09 -10.66 4.90
CA SER C 84 15.66 -10.75 5.20
C SER C 84 15.42 -10.80 6.72
N ASP C 85 16.24 -11.62 7.36
CA ASP C 85 16.16 -11.78 8.79
C ASP C 85 16.44 -10.45 9.47
N LEU C 86 17.55 -9.83 9.09
CA LEU C 86 17.93 -8.59 9.76
C LEU C 86 16.83 -7.56 9.60
N HIS C 87 16.24 -7.59 8.41
CA HIS C 87 15.31 -6.55 8.16
C HIS C 87 13.97 -6.80 8.83
N ALA C 88 13.52 -8.07 8.86
CA ALA C 88 12.20 -8.28 9.46
C ALA C 88 12.30 -8.30 10.95
N HIS C 89 12.99 -9.32 11.46
CA HIS C 89 13.14 -9.55 12.87
C HIS C 89 13.98 -8.56 13.60
N LYS C 90 15.19 -8.37 13.18
CA LYS C 90 15.92 -7.49 14.02
C LYS C 90 15.57 -6.04 13.84
N LEU C 91 15.50 -5.57 12.62
CA LEU C 91 15.24 -4.18 12.55
C LEU C 91 13.79 -3.89 12.43
N ARG C 92 13.02 -4.86 11.93
CA ARG C 92 11.59 -4.63 11.83
C ARG C 92 11.28 -3.36 11.04
N VAL C 93 11.64 -3.33 9.76
CA VAL C 93 11.40 -2.09 9.03
C VAL C 93 9.97 -2.08 8.55
N ASP C 94 9.31 -0.93 8.68
CA ASP C 94 7.94 -0.88 8.15
C ASP C 94 8.11 -1.12 6.63
N PRO C 95 7.52 -2.21 6.21
CA PRO C 95 7.50 -2.68 4.84
C PRO C 95 7.31 -1.49 3.84
N VAL C 96 6.54 -0.53 4.30
CA VAL C 96 6.22 0.65 3.56
C VAL C 96 7.51 1.27 3.06
N ASN C 97 8.52 1.25 3.91
CA ASN C 97 9.75 1.92 3.54
C ASN C 97 10.49 1.35 2.33
N PHE C 98 10.27 0.06 2.08
CA PHE C 98 11.02 -0.51 0.98
C PHE C 98 10.52 0.28 -0.27
N LYS C 99 9.22 0.58 -0.32
CA LYS C 99 8.73 1.31 -1.51
C LYS C 99 9.40 2.61 -1.72
N LEU C 100 9.84 3.20 -0.64
CA LEU C 100 10.47 4.48 -0.75
C LEU C 100 11.86 4.36 -1.29
N LEU C 101 12.62 3.41 -0.72
CA LEU C 101 14.05 3.25 -1.07
C LEU C 101 14.29 2.88 -2.55
N SER C 102 13.40 2.02 -3.03
CA SER C 102 13.40 1.53 -4.38
C SER C 102 13.01 2.69 -5.34
N HIS C 103 12.02 3.52 -4.99
CA HIS C 103 11.68 4.67 -5.85
C HIS C 103 12.93 5.52 -5.91
N CYS C 104 13.58 5.77 -4.78
CA CYS C 104 14.84 6.52 -4.82
C CYS C 104 15.98 5.89 -5.72
N LEU C 105 16.06 4.58 -5.77
CA LEU C 105 17.11 3.92 -6.55
C LEU C 105 16.81 4.20 -8.02
N LEU C 106 15.55 4.03 -8.40
CA LEU C 106 15.16 4.22 -9.78
C LEU C 106 15.54 5.61 -10.25
N VAL C 107 15.02 6.53 -9.50
CA VAL C 107 15.22 7.94 -9.77
C VAL C 107 16.71 8.21 -10.02
N THR C 108 17.56 7.59 -9.20
CA THR C 108 19.00 7.70 -9.30
C THR C 108 19.46 7.00 -10.61
N LEU C 109 19.00 5.77 -10.82
CA LEU C 109 19.38 5.01 -11.99
C LEU C 109 19.00 5.85 -13.20
N ALA C 110 17.85 6.52 -13.13
CA ALA C 110 17.46 7.28 -14.32
C ALA C 110 18.38 8.45 -14.56
N ALA C 111 18.72 9.16 -13.49
CA ALA C 111 19.47 10.36 -13.68
C ALA C 111 20.90 10.05 -14.04
N HIS C 112 21.26 8.77 -13.99
CA HIS C 112 22.62 8.43 -14.31
C HIS C 112 22.66 7.64 -15.58
N LEU C 113 21.57 6.96 -15.93
CA LEU C 113 21.48 6.11 -17.14
C LEU C 113 20.41 6.42 -18.17
N PRO C 114 20.26 7.71 -18.45
CA PRO C 114 19.30 8.27 -19.41
C PRO C 114 19.06 7.39 -20.67
N ALA C 115 20.16 7.09 -21.32
CA ALA C 115 20.17 6.30 -22.53
C ALA C 115 19.56 4.94 -22.23
N GLU C 116 19.85 4.35 -21.06
CA GLU C 116 19.29 3.05 -20.73
C GLU C 116 17.94 3.20 -20.13
N PHE C 117 17.75 4.28 -19.42
CA PHE C 117 16.48 4.40 -18.74
C PHE C 117 15.18 4.52 -19.53
N THR C 118 14.78 3.46 -20.20
CA THR C 118 13.58 3.44 -21.06
C THR C 118 12.41 2.73 -20.40
N PRO C 119 11.23 2.93 -20.99
CA PRO C 119 9.99 2.37 -20.52
C PRO C 119 10.11 0.98 -20.17
N ALA C 120 10.58 0.21 -21.17
CA ALA C 120 10.63 -1.21 -20.96
C ALA C 120 11.53 -1.54 -19.81
N VAL C 121 12.65 -0.83 -19.77
CA VAL C 121 13.67 -1.02 -18.75
C VAL C 121 13.24 -0.54 -17.34
N HIS C 122 12.70 0.66 -17.28
CA HIS C 122 12.08 1.21 -16.09
C HIS C 122 11.13 0.13 -15.53
N ALA C 123 10.25 -0.41 -16.37
CA ALA C 123 9.31 -1.42 -15.89
C ALA C 123 9.99 -2.63 -15.28
N SER C 124 11.06 -3.08 -15.95
CA SER C 124 11.83 -4.27 -15.51
C SER C 124 12.52 -4.06 -14.16
N LEU C 125 13.22 -2.98 -14.02
CA LEU C 125 13.88 -2.72 -12.78
C LEU C 125 12.91 -2.69 -11.58
N ASP C 126 11.82 -1.96 -11.81
CA ASP C 126 10.78 -1.79 -10.81
C ASP C 126 10.38 -3.17 -10.36
N LYS C 127 10.24 -4.07 -11.30
CA LYS C 127 9.77 -5.37 -10.90
C LYS C 127 10.85 -6.03 -10.12
N PHE C 128 12.06 -5.78 -10.54
CA PHE C 128 13.16 -6.38 -9.87
C PHE C 128 13.16 -5.95 -8.42
N LEU C 129 13.18 -4.65 -8.27
CA LEU C 129 13.30 -4.08 -6.98
C LEU C 129 12.12 -4.61 -6.08
N ALA C 130 10.96 -4.63 -6.68
CA ALA C 130 9.75 -5.17 -6.09
C ALA C 130 9.98 -6.53 -5.49
N SER C 131 10.60 -7.41 -6.27
CA SER C 131 10.94 -8.73 -5.79
C SER C 131 11.91 -8.70 -4.61
N VAL C 132 12.98 -7.95 -4.74
CA VAL C 132 14.02 -7.90 -3.76
C VAL C 132 13.39 -7.51 -2.51
N SER C 133 12.58 -6.48 -2.61
CA SER C 133 11.86 -6.05 -1.39
C SER C 133 10.97 -7.11 -0.82
N THR C 134 10.26 -7.80 -1.71
CA THR C 134 9.28 -8.79 -1.29
C THR C 134 10.00 -9.81 -0.43
N VAL C 135 11.09 -10.27 -1.01
CA VAL C 135 11.95 -11.18 -0.36
C VAL C 135 12.39 -10.57 1.01
N LEU C 136 12.87 -9.31 1.03
CA LEU C 136 13.39 -8.73 2.27
C LEU C 136 12.33 -8.70 3.41
N THR C 137 11.05 -8.79 3.03
CA THR C 137 9.98 -8.73 4.03
C THR C 137 9.23 -10.09 4.16
N SER C 138 9.76 -11.13 3.56
CA SER C 138 9.04 -12.38 3.60
C SER C 138 8.95 -12.85 5.04
N LYS C 139 9.83 -12.31 5.89
CA LYS C 139 9.86 -12.69 7.29
C LYS C 139 8.65 -12.17 8.07
N TYR C 140 7.87 -11.32 7.41
CA TYR C 140 6.64 -10.82 8.04
C TYR C 140 5.57 -11.77 7.50
N ARG C 141 5.22 -11.62 6.22
CA ARG C 141 4.26 -12.52 5.58
C ARG C 141 4.96 -13.43 4.55
N VAL D 1 1.40 22.85 -0.21
CA VAL D 1 2.57 22.27 0.46
C VAL D 1 3.26 23.42 1.15
N HIS D 2 4.48 23.23 1.57
CA HIS D 2 5.12 24.33 2.25
C HIS D 2 6.27 24.88 1.49
N LEU D 3 7.34 24.16 1.54
CA LEU D 3 8.55 24.54 0.86
C LEU D 3 9.17 25.74 1.52
N THR D 4 10.42 25.90 1.23
CA THR D 4 11.19 27.04 1.68
C THR D 4 11.10 27.90 0.46
N PRO D 5 11.76 29.05 0.45
CA PRO D 5 11.78 29.85 -0.75
C PRO D 5 12.66 29.08 -1.71
N GLU D 6 13.97 29.10 -1.45
CA GLU D 6 14.96 28.34 -2.23
C GLU D 6 14.54 26.93 -2.60
N GLU D 7 13.50 26.46 -1.95
CA GLU D 7 12.91 25.22 -2.30
C GLU D 7 11.99 25.69 -3.41
N LYS D 8 10.88 26.34 -3.03
CA LYS D 8 9.87 26.86 -3.97
C LYS D 8 10.46 27.46 -5.25
N SER D 9 11.68 27.95 -5.14
CA SER D 9 12.36 28.52 -6.27
C SER D 9 12.78 27.44 -7.24
N ALA D 10 13.75 26.67 -6.81
CA ALA D 10 14.29 25.63 -7.65
C ALA D 10 13.24 24.69 -8.28
N VAL D 11 12.05 24.64 -7.71
CA VAL D 11 11.08 23.76 -8.33
C VAL D 11 10.75 24.52 -9.55
N THR D 12 10.22 25.67 -9.23
CA THR D 12 9.83 26.66 -10.19
C THR D 12 10.88 26.87 -11.29
N ALA D 13 12.15 26.84 -10.90
CA ALA D 13 13.24 27.03 -11.86
C ALA D 13 13.23 25.98 -12.91
N LEU D 14 13.37 24.77 -12.44
CA LEU D 14 13.54 23.61 -13.21
C LEU D 14 12.30 23.43 -14.08
N TRP D 15 11.16 23.71 -13.48
CA TRP D 15 9.89 23.49 -14.16
C TRP D 15 9.93 24.30 -15.45
N GLY D 16 10.64 25.42 -15.33
CA GLY D 16 10.88 26.35 -16.45
C GLY D 16 11.55 25.66 -17.62
N LYS D 17 12.45 24.74 -17.36
CA LYS D 17 13.16 24.03 -18.39
C LYS D 17 12.35 22.88 -19.00
N VAL D 18 11.13 22.72 -18.52
CA VAL D 18 10.30 21.58 -18.92
C VAL D 18 9.65 21.65 -20.26
N ASN D 19 9.91 20.71 -21.14
CA ASN D 19 9.18 20.80 -22.43
C ASN D 19 7.81 20.23 -22.19
N VAL D 20 6.85 21.11 -22.16
CA VAL D 20 5.51 20.65 -21.91
C VAL D 20 4.86 19.67 -22.84
N ASP D 21 5.01 19.88 -24.14
CA ASP D 21 4.36 18.95 -25.05
C ASP D 21 4.87 17.55 -24.86
N GLU D 22 6.06 17.43 -24.32
CA GLU D 22 6.59 16.11 -24.14
C GLU D 22 6.33 15.45 -22.76
N VAL D 23 6.89 16.04 -21.71
CA VAL D 23 6.89 15.46 -20.37
C VAL D 23 5.63 14.77 -19.91
N GLY D 24 4.53 15.42 -20.20
CA GLY D 24 3.21 14.87 -19.87
C GLY D 24 3.00 13.45 -20.37
N GLY D 25 3.28 13.27 -21.65
CA GLY D 25 3.07 11.97 -22.29
C GLY D 25 4.14 10.98 -21.84
N GLU D 26 5.39 11.41 -21.64
CA GLU D 26 6.38 10.47 -21.16
C GLU D 26 5.86 9.83 -19.83
N ALA D 27 5.42 10.74 -18.98
CA ALA D 27 4.94 10.40 -17.66
C ALA D 27 3.72 9.52 -17.74
N LEU D 28 2.73 10.00 -18.46
CA LEU D 28 1.47 9.28 -18.47
C LEU D 28 1.68 7.96 -19.13
N GLY D 29 2.58 7.99 -20.08
CA GLY D 29 2.92 6.82 -20.85
C GLY D 29 3.55 5.80 -19.97
N ARG D 30 4.62 6.22 -19.30
CA ARG D 30 5.36 5.27 -18.51
C ARG D 30 4.42 4.64 -17.44
N LEU D 31 3.43 5.39 -17.01
CA LEU D 31 2.50 4.90 -15.97
C LEU D 31 1.72 3.72 -16.53
N LEU D 32 1.25 3.88 -17.77
CA LEU D 32 0.46 2.82 -18.32
C LEU D 32 1.38 1.67 -18.63
N VAL D 33 2.68 1.89 -18.72
CA VAL D 33 3.56 0.73 -19.00
C VAL D 33 3.97 0.03 -17.67
N VAL D 34 4.52 0.78 -16.70
CA VAL D 34 5.00 0.23 -15.41
C VAL D 34 3.86 -0.33 -14.48
N TYR D 35 2.68 0.26 -14.54
CA TYR D 35 1.50 -0.13 -13.70
C TYR D 35 0.25 -0.42 -14.58
N PRO D 36 0.42 -1.40 -15.48
CA PRO D 36 -0.52 -1.80 -16.51
C PRO D 36 -1.96 -1.84 -16.09
N TRP D 37 -2.23 -2.12 -14.80
CA TRP D 37 -3.66 -2.11 -14.44
C TRP D 37 -4.25 -0.67 -14.68
N THR D 38 -3.44 0.38 -14.69
CA THR D 38 -4.01 1.71 -14.91
C THR D 38 -4.64 1.88 -16.28
N GLN D 39 -4.27 1.01 -17.21
CA GLN D 39 -4.83 1.05 -18.58
C GLN D 39 -6.37 1.01 -18.60
N ARG D 40 -6.93 0.36 -17.57
CA ARG D 40 -8.36 0.19 -17.46
C ARG D 40 -9.07 1.51 -17.65
N PHE D 41 -8.45 2.55 -17.13
CA PHE D 41 -9.03 3.87 -17.26
C PHE D 41 -8.97 4.47 -18.65
N PHE D 42 -7.99 4.07 -19.42
CA PHE D 42 -7.71 4.64 -20.69
C PHE D 42 -7.95 3.73 -21.88
N GLU D 43 -8.94 2.85 -21.71
CA GLU D 43 -9.32 1.88 -22.72
C GLU D 43 -9.61 2.46 -24.09
N SER D 44 -10.41 3.51 -24.10
CA SER D 44 -10.75 4.25 -25.32
C SER D 44 -9.53 4.81 -26.14
N PHE D 45 -8.36 4.93 -25.52
CA PHE D 45 -7.24 5.52 -26.20
C PHE D 45 -6.70 4.82 -27.35
N GLY D 46 -7.01 3.53 -27.45
CA GLY D 46 -6.41 2.80 -28.55
C GLY D 46 -5.44 1.66 -28.22
N ASP D 47 -4.33 1.57 -28.94
CA ASP D 47 -3.39 0.47 -28.69
C ASP D 47 -2.44 0.79 -27.61
N LEU D 48 -2.45 -0.08 -26.60
CA LEU D 48 -1.62 0.09 -25.42
C LEU D 48 -0.87 -1.22 -25.34
N SER D 49 -1.03 -1.97 -26.44
CA SER D 49 -0.42 -3.28 -26.62
C SER D 49 1.00 -3.39 -26.16
N THR D 50 1.81 -2.37 -26.44
CA THR D 50 3.24 -2.44 -26.08
C THR D 50 3.75 -1.11 -25.68
N PRO D 51 4.98 -1.11 -25.18
CA PRO D 51 5.54 0.09 -24.56
C PRO D 51 5.60 1.13 -25.66
N ASP D 52 6.15 0.69 -26.77
CA ASP D 52 6.30 1.58 -27.88
C ASP D 52 4.95 2.03 -28.29
N ALA D 53 4.02 1.09 -28.29
CA ALA D 53 2.67 1.45 -28.71
C ALA D 53 2.12 2.57 -27.83
N VAL D 54 2.23 2.33 -26.55
CA VAL D 54 1.78 3.25 -25.56
C VAL D 54 2.62 4.55 -25.61
N MET D 55 3.91 4.37 -25.66
CA MET D 55 4.80 5.48 -25.74
C MET D 55 4.50 6.32 -26.97
N GLY D 56 3.86 5.77 -27.98
CA GLY D 56 3.61 6.58 -29.18
C GLY D 56 2.16 6.97 -29.45
N ASN D 57 1.23 6.49 -28.65
CA ASN D 57 -0.20 6.80 -28.89
C ASN D 57 -0.46 8.28 -28.77
N PRO D 58 -1.14 8.84 -29.73
CA PRO D 58 -1.34 10.28 -29.69
C PRO D 58 -2.36 10.80 -28.65
N LYS D 59 -3.36 9.96 -28.35
CA LYS D 59 -4.37 10.25 -27.32
C LYS D 59 -3.55 10.23 -25.99
N VAL D 60 -2.57 9.36 -25.95
CA VAL D 60 -1.75 9.36 -24.79
C VAL D 60 -0.95 10.66 -24.73
N LYS D 61 -0.30 11.08 -25.81
CA LYS D 61 0.52 12.32 -25.74
C LYS D 61 -0.35 13.53 -25.44
N ALA D 62 -1.50 13.54 -26.06
CA ALA D 62 -2.34 14.69 -25.90
C ALA D 62 -2.86 14.85 -24.49
N HIS D 63 -3.28 13.74 -23.91
CA HIS D 63 -3.82 13.80 -22.57
C HIS D 63 -2.76 14.20 -21.56
N GLY D 64 -1.55 13.70 -21.80
CA GLY D 64 -0.38 14.02 -20.99
C GLY D 64 -0.26 15.57 -20.92
N LYS D 65 -0.55 16.26 -22.04
CA LYS D 65 -0.43 17.74 -22.02
C LYS D 65 -1.39 18.35 -20.93
N LYS D 66 -2.60 17.85 -20.98
CA LYS D 66 -3.65 18.26 -20.12
C LYS D 66 -3.12 18.04 -18.73
N VAL D 67 -2.61 16.85 -18.48
CA VAL D 67 -2.11 16.51 -17.13
C VAL D 67 -0.98 17.43 -16.58
N LEU D 68 0.07 17.59 -17.38
CA LEU D 68 1.18 18.43 -16.99
C LEU D 68 0.67 19.82 -16.73
N GLY D 69 -0.36 20.20 -17.49
CA GLY D 69 -0.97 21.54 -17.32
C GLY D 69 -1.45 21.74 -15.86
N ALA D 70 -2.25 20.76 -15.39
CA ALA D 70 -2.79 20.77 -14.03
C ALA D 70 -1.62 20.92 -13.06
N PHE D 71 -0.47 20.33 -13.37
CA PHE D 71 0.66 20.40 -12.47
C PHE D 71 1.14 21.79 -12.47
N SER D 72 0.76 22.45 -13.52
CA SER D 72 1.23 23.78 -13.67
C SER D 72 0.48 24.81 -12.91
N ASP D 73 -0.85 24.76 -12.97
CA ASP D 73 -1.68 25.63 -12.13
C ASP D 73 -1.33 25.29 -10.71
N GLY D 74 -1.10 24.01 -10.43
CA GLY D 74 -0.71 23.59 -9.10
C GLY D 74 0.58 24.29 -8.66
N LEU D 75 1.61 24.23 -9.50
CA LEU D 75 2.88 24.88 -9.12
C LEU D 75 2.68 26.38 -8.78
N ALA D 76 1.70 26.99 -9.41
CA ALA D 76 1.45 28.40 -9.21
C ALA D 76 0.63 28.65 -8.01
N HIS D 77 0.12 27.60 -7.39
CA HIS D 77 -0.81 27.73 -6.25
C HIS D 77 -0.57 26.76 -5.11
N LEU D 78 0.71 26.60 -4.79
CA LEU D 78 1.18 25.66 -3.78
C LEU D 78 0.41 25.63 -2.50
N ASP D 79 -0.24 26.74 -2.18
CA ASP D 79 -1.01 26.71 -0.98
C ASP D 79 -2.35 26.20 -1.34
N ASN D 80 -3.06 26.94 -2.12
CA ASN D 80 -4.32 26.41 -2.42
C ASN D 80 -4.50 25.19 -3.27
N LEU D 81 -3.56 24.25 -3.16
CA LEU D 81 -3.65 23.03 -3.93
C LEU D 81 -5.04 22.39 -3.81
N LYS D 82 -5.57 22.50 -2.61
CA LYS D 82 -6.86 21.92 -2.31
C LYS D 82 -7.92 22.47 -3.21
N GLY D 83 -7.95 23.78 -3.18
CA GLY D 83 -8.94 24.47 -3.93
C GLY D 83 -8.61 24.29 -5.34
N THR D 84 -7.32 24.34 -5.65
CA THR D 84 -6.91 24.26 -7.05
C THR D 84 -7.41 23.02 -7.69
N PHE D 85 -7.18 21.90 -7.02
CA PHE D 85 -7.57 20.61 -7.55
C PHE D 85 -8.98 20.12 -7.29
N ALA D 86 -9.78 20.96 -6.67
CA ALA D 86 -11.13 20.52 -6.38
C ALA D 86 -12.10 19.94 -7.46
N THR D 87 -12.16 20.54 -8.64
CA THR D 87 -12.99 20.00 -9.73
C THR D 87 -12.47 18.66 -10.24
N LEU D 88 -11.15 18.55 -10.28
CA LEU D 88 -10.45 17.34 -10.68
C LEU D 88 -10.75 16.25 -9.65
N SER D 89 -10.81 16.65 -8.37
CA SER D 89 -11.09 15.66 -7.36
C SER D 89 -12.40 14.99 -7.61
N GLU D 90 -13.40 15.78 -7.95
CA GLU D 90 -14.71 15.16 -8.19
C GLU D 90 -14.63 14.21 -9.32
N LEU D 91 -14.03 14.70 -10.38
CA LEU D 91 -13.96 13.94 -11.60
C LEU D 91 -13.33 12.57 -11.34
N HIS D 92 -12.16 12.67 -10.70
CA HIS D 92 -11.30 11.54 -10.42
C HIS D 92 -11.87 10.55 -9.41
N CYS D 93 -12.47 11.07 -8.35
CA CYS D 93 -13.03 10.26 -7.31
C CYS D 93 -14.42 9.86 -7.67
N ASP D 94 -15.27 10.84 -7.61
CA ASP D 94 -16.67 10.59 -7.86
C ASP D 94 -17.07 9.95 -9.17
N LYS D 95 -16.54 10.44 -10.27
CA LYS D 95 -16.97 9.91 -11.53
C LYS D 95 -16.08 8.75 -12.02
N LEU D 96 -14.78 8.88 -11.84
CA LEU D 96 -13.90 7.84 -12.35
C LEU D 96 -13.60 6.72 -11.35
N HIS D 97 -13.58 7.06 -10.07
CA HIS D 97 -13.24 6.05 -9.02
C HIS D 97 -11.86 5.49 -9.17
N VAL D 98 -10.89 6.38 -9.27
CA VAL D 98 -9.53 5.94 -9.43
C VAL D 98 -9.09 5.80 -8.00
N ASP D 99 -8.28 4.80 -7.72
CA ASP D 99 -7.77 4.74 -6.38
C ASP D 99 -6.61 5.67 -6.18
N PRO D 100 -6.74 6.39 -5.09
CA PRO D 100 -5.74 7.39 -4.67
C PRO D 100 -4.33 6.92 -4.75
N GLU D 101 -4.08 5.64 -4.49
CA GLU D 101 -2.69 5.22 -4.54
C GLU D 101 -2.11 5.56 -5.93
N ASN D 102 -3.00 5.50 -6.87
CA ASN D 102 -2.63 5.80 -8.22
C ASN D 102 -2.12 7.21 -8.42
N PHE D 103 -2.53 8.11 -7.55
CA PHE D 103 -1.96 9.45 -7.77
C PHE D 103 -0.50 9.42 -7.29
N ARG D 104 -0.19 8.66 -6.21
CA ARG D 104 1.19 8.71 -5.69
C ARG D 104 2.04 8.16 -6.83
N LEU D 105 1.56 7.04 -7.38
CA LEU D 105 2.28 6.39 -8.49
C LEU D 105 2.59 7.42 -9.60
N LEU D 106 1.52 8.03 -10.15
CA LEU D 106 1.71 9.05 -11.20
C LEU D 106 2.79 10.11 -10.87
N GLY D 107 2.73 10.62 -9.63
CA GLY D 107 3.66 11.68 -9.25
C GLY D 107 5.03 11.09 -9.19
N ASN D 108 5.10 9.90 -8.64
CA ASN D 108 6.42 9.27 -8.54
C ASN D 108 7.09 9.10 -9.90
N VAL D 109 6.28 8.77 -10.91
CA VAL D 109 6.90 8.61 -12.22
C VAL D 109 7.27 9.93 -12.87
N LEU D 110 6.46 10.95 -12.61
CA LEU D 110 6.72 12.33 -13.11
C LEU D 110 8.16 12.63 -12.54
N VAL D 111 8.38 12.17 -11.31
CA VAL D 111 9.69 12.41 -10.81
C VAL D 111 10.75 11.62 -11.52
N CYS D 112 10.46 10.35 -11.82
CA CYS D 112 11.53 9.62 -12.52
C CYS D 112 11.74 10.35 -13.84
N VAL D 113 10.62 10.71 -14.50
CA VAL D 113 10.75 11.42 -15.78
C VAL D 113 11.62 12.72 -15.64
N LEU D 114 11.36 13.53 -14.60
CA LEU D 114 12.17 14.76 -14.38
C LEU D 114 13.62 14.36 -14.23
N ALA D 115 13.89 13.38 -13.38
CA ALA D 115 15.26 12.88 -13.13
C ALA D 115 15.88 12.52 -14.48
N HIS D 116 15.05 11.83 -15.25
CA HIS D 116 15.41 11.36 -16.57
C HIS D 116 15.93 12.45 -17.52
N HIS D 117 15.17 13.52 -17.60
CA HIS D 117 15.65 14.61 -18.39
C HIS D 117 16.76 15.44 -17.79
N PHE D 118 16.71 15.75 -16.49
CA PHE D 118 17.66 16.68 -15.92
C PHE D 118 18.91 16.17 -15.38
N GLY D 119 19.01 14.86 -15.29
CA GLY D 119 20.25 14.20 -14.85
C GLY D 119 20.79 14.87 -13.57
N LYS D 120 22.11 15.06 -13.52
CA LYS D 120 22.77 15.69 -12.37
C LYS D 120 22.05 16.91 -11.75
N GLU D 121 21.46 17.76 -12.59
CA GLU D 121 20.68 18.90 -12.08
C GLU D 121 19.61 18.46 -11.09
N PHE D 122 18.91 17.36 -11.36
CA PHE D 122 17.84 16.87 -10.46
C PHE D 122 18.40 16.27 -9.16
N THR D 123 19.15 17.09 -8.45
CA THR D 123 19.72 16.68 -7.19
C THR D 123 18.69 16.28 -6.17
N PRO D 124 19.19 15.49 -5.24
CA PRO D 124 18.40 15.01 -4.08
C PRO D 124 17.47 16.09 -3.48
N PRO D 125 18.03 17.28 -3.23
CA PRO D 125 17.26 18.36 -2.63
C PRO D 125 16.23 18.83 -3.62
N VAL D 126 16.53 18.69 -4.91
CA VAL D 126 15.51 19.09 -5.83
C VAL D 126 14.36 18.05 -5.80
N GLN D 127 14.75 16.79 -5.79
CA GLN D 127 13.77 15.73 -5.71
C GLN D 127 12.90 15.89 -4.47
N ALA D 128 13.57 16.10 -3.35
CA ALA D 128 12.86 16.34 -2.09
C ALA D 128 11.80 17.44 -2.18
N ALA D 129 12.18 18.54 -2.79
CA ALA D 129 11.19 19.60 -2.92
C ALA D 129 10.07 19.08 -3.80
N TYR D 130 10.49 18.48 -4.91
CA TYR D 130 9.55 17.97 -5.90
C TYR D 130 8.66 16.90 -5.24
N GLN D 131 9.27 16.10 -4.37
CA GLN D 131 8.49 15.07 -3.63
C GLN D 131 7.32 15.64 -2.83
N LYS D 132 7.59 16.82 -2.25
CA LYS D 132 6.57 17.46 -1.45
C LYS D 132 5.40 17.78 -2.36
N VAL D 133 5.70 18.51 -3.40
CA VAL D 133 4.65 18.95 -4.30
C VAL D 133 3.73 17.80 -4.82
N VAL D 134 4.37 16.76 -5.34
CA VAL D 134 3.67 15.61 -5.84
C VAL D 134 2.72 15.08 -4.74
N ALA D 135 3.23 15.08 -3.51
CA ALA D 135 2.40 14.56 -2.41
C ALA D 135 1.22 15.49 -2.19
N GLY D 136 1.51 16.81 -2.12
CA GLY D 136 0.48 17.80 -1.95
C GLY D 136 -0.52 17.59 -3.03
N VAL D 137 -0.03 17.50 -4.24
CA VAL D 137 -0.92 17.29 -5.32
C VAL D 137 -1.78 16.03 -5.17
N ALA D 138 -1.15 14.94 -4.76
CA ALA D 138 -1.90 13.67 -4.65
C ALA D 138 -3.04 13.86 -3.69
N ASN D 139 -2.70 14.34 -2.50
CA ASN D 139 -3.67 14.61 -1.43
C ASN D 139 -4.85 15.34 -2.01
N ALA D 140 -4.51 16.49 -2.57
CA ALA D 140 -5.51 17.39 -3.06
C ALA D 140 -6.49 16.73 -3.99
N LEU D 141 -6.01 15.76 -4.77
CA LEU D 141 -6.88 15.08 -5.74
C LEU D 141 -7.75 14.05 -5.01
N ALA D 142 -7.21 13.55 -3.91
CA ALA D 142 -7.90 12.55 -3.14
C ALA D 142 -8.93 13.12 -2.24
N HIS D 143 -9.01 14.43 -2.11
CA HIS D 143 -9.96 15.03 -1.17
C HIS D 143 -11.34 14.47 -1.03
N LYS D 144 -12.06 14.35 -2.12
CA LYS D 144 -13.40 13.87 -2.01
C LYS D 144 -13.45 12.43 -1.55
N TYR D 145 -12.30 11.85 -1.26
CA TYR D 145 -12.33 10.50 -0.73
C TYR D 145 -12.50 10.66 0.77
N HIS D 146 -11.93 11.76 1.25
CA HIS D 146 -12.06 12.21 2.62
C HIS D 146 -13.37 13.03 2.55
CHA HEM E . -14.14 -13.22 -11.53
CHB HEM E . -11.90 -15.23 -7.77
CHC HEM E . -10.50 -10.88 -6.31
CHD HEM E . -13.39 -8.87 -9.62
C1A HEM E . -13.70 -14.20 -10.66
C2A HEM E . -13.98 -15.62 -10.69
C3A HEM E . -13.34 -16.14 -9.65
C4A HEM E . -12.66 -15.09 -8.92
CMA HEM E . -13.31 -17.62 -9.21
CAA HEM E . -14.83 -16.37 -11.74
CBA HEM E . -14.01 -17.16 -12.79
CGA HEM E . -14.79 -17.82 -13.90
O1A HEM E . -15.63 -17.11 -14.52
O2A HEM E . -14.54 -19.03 -14.12
C1B HEM E . -11.33 -14.21 -7.02
C2B HEM E . -10.58 -14.35 -5.79
C3B HEM E . -10.20 -13.13 -5.43
C4B HEM E . -10.70 -12.23 -6.40
CMB HEM E . -10.28 -15.69 -5.06
CAB HEM E . -9.41 -12.64 -4.19
CBB HEM E . -9.28 -13.49 -3.16
C1C HEM E . -11.24 -10.01 -7.05
C2C HEM E . -11.23 -8.59 -6.79
C3C HEM E . -12.03 -8.02 -7.69
C4C HEM E . -12.54 -9.07 -8.55
CMC HEM E . -10.44 -7.98 -5.61
CAC HEM E . -12.37 -6.53 -7.85
CBC HEM E . -13.51 -6.03 -7.39
C1D HEM E . -13.86 -9.86 -10.45
C2D HEM E . -14.76 -9.69 -11.57
C3D HEM E . -14.97 -10.89 -12.10
C4D HEM E . -14.19 -11.85 -11.33
CMD HEM E . -15.38 -8.34 -12.04
CAD HEM E . -15.84 -11.24 -13.32
CBD HEM E . -17.22 -11.95 -13.20
CGD HEM E . -18.02 -12.06 -14.48
O1D HEM E . -17.38 -12.21 -15.55
O2D HEM E . -19.27 -11.98 -14.40
NA HEM E . -12.90 -13.91 -9.59
NB HEM E . -11.38 -12.89 -7.41
NC HEM E . -12.03 -10.29 -8.14
ND HEM E . -13.50 -11.19 -10.34
FE HEM E . -12.42 -12.10 -8.92
C CMO F . -13.98 -12.29 -7.89
O CMO F . -14.11 -11.25 -7.32
CHA HEM G . 0.36 5.90 22.44
CHB HEM G . -4.20 5.83 20.83
CHC HEM G . -2.63 3.83 16.68
CHD HEM G . 1.74 3.37 18.59
C1A HEM G . -1.00 6.07 22.34
C2A HEM G . -1.84 6.63 23.39
C3A HEM G . -3.09 6.61 22.95
C4A HEM G . -3.10 6.02 21.63
CMA HEM G . -4.38 7.11 23.66
CAA HEM G . -1.27 7.16 24.73
CBA HEM G . -1.51 8.66 25.03
CGA HEM G . -1.40 9.12 26.47
O1A HEM G . -2.12 8.53 27.32
O2A HEM G . -0.62 10.08 26.69
C1B HEM G . -4.16 5.33 19.55
C2B HEM G . -5.28 5.27 18.64
C3B HEM G . -4.86 4.74 17.49
C4B HEM G . -3.46 4.40 17.63
CMB HEM G . -6.68 5.79 19.03
CAB HEM G . -5.71 4.46 16.24
CBB HEM G . -5.24 3.75 15.21
C1C HEM G . -1.31 3.46 16.85
C2C HEM G . -0.50 2.64 15.95
C3C HEM G . 0.70 2.53 16.49
C4C HEM G . 0.68 3.28 17.73
CMC HEM G . -0.99 2.04 14.61
CAC HEM G . 1.98 1.79 16.03
CBC HEM G . 1.83 0.71 15.26
C1D HEM G . 1.73 3.98 19.82
C2D HEM G . 2.85 4.02 20.73
C3D HEM G . 2.48 4.73 21.80
C4D HEM G . 1.11 5.15 21.58
CMD HEM G . 4.20 3.33 20.46
CAD HEM G . 3.33 5.01 23.05
CBD HEM G . 2.98 6.14 24.04
CGD HEM G . 3.37 5.75 25.44
O1D HEM G . 2.90 6.46 26.36
O2D HEM G . 4.14 4.75 25.56
NA HEM G . -1.80 5.72 21.27
NB HEM G . -3.07 4.79 18.90
NC HEM G . -0.56 3.84 17.94
ND HEM G . 0.66 4.66 20.36
FE HEM G . -1.21 4.74 19.62
C CMO H . -1.74 3.12 20.37
O CMO H . -1.44 2.04 19.94
CHA HEM I . 21.23 -2.58 6.97
CHB HEM I . 20.57 -3.82 2.33
CHC HEM I . 16.17 -1.83 2.46
CHD HEM I . 17.18 -0.02 6.79
C1A HEM I . 21.48 -3.10 5.71
C2A HEM I . 22.65 -3.81 5.29
C3A HEM I . 22.46 -4.17 4.01
C4A HEM I . 21.16 -3.68 3.57
CMA HEM I . 23.38 -4.94 3.05
CAA HEM I . 23.84 -4.07 6.25
CBA HEM I . 24.54 -5.45 6.24
CGA HEM I . 25.76 -5.56 7.12
O1A HEM I . 25.81 -4.76 8.09
O2A HEM I . 26.61 -6.44 6.80
C1B HEM I . 19.32 -3.40 1.93
C2B HEM I . 18.67 -3.56 0.64
C3B HEM I . 17.46 -3.01 0.68
C4B HEM I . 17.30 -2.47 2.01
CMB HEM I . 19.35 -4.28 -0.54
CAB HEM I . 16.35 -2.89 -0.38
CBB HEM I . 16.65 -2.60 -1.66
C1C HEM I . 16.10 -1.11 3.63
C2C HEM I . 15.04 -0.18 3.96
C3C HEM I . 15.33 0.33 5.16
C4C HEM I . 16.57 -0.29 5.60
CMC HEM I . 13.82 0.12 3.05
CAC HEM I . 14.53 1.35 6.00
CBC HEM I . 15.03 2.53 6.40
C1D HEM I . 18.38 -0.56 7.22
C2D HEM I . 19.08 -0.24 8.46
C3D HEM I . 20.20 -0.97 8.47
C4D HEM I . 20.20 -1.74 7.26
CMD HEM I . 18.60 0.77 9.52
CAD HEM I . 21.36 -1.13 9.45
CBD HEM I . 22.19 0.07 9.92
CGD HEM I . 23.21 -0.37 10.93
O1D HEM I . 23.00 -0.07 12.14
O2D HEM I . 24.18 -1.03 10.48
NA HEM I . 20.60 -3.04 4.65
NB HEM I . 18.44 -2.73 2.75
NC HEM I . 17.04 -1.17 4.64
ND HEM I . 19.08 -1.48 6.49
FE HEM I . 18.80 -2.17 4.63
C CMO J . 19.70 -0.70 3.91
O CMO J . 19.84 0.45 4.22
C1 CIN K . -8.11 22.29 7.57
C2 CIN K . -9.34 21.91 8.13
C3 CIN K . -9.48 21.81 9.49
C4 CIN K . -8.40 22.08 10.33
C5 CIN K . -7.20 22.44 9.78
C6 CIN K . -7.05 22.58 8.40
C1' CIN K . -7.87 22.41 6.07
C2' CIN K . -8.76 22.19 5.14
C3' CIN K . -8.40 22.34 3.68
C4' CIN K . -8.64 21.95 11.83
O1' CIN K . -9.19 22.83 2.87
O3' CIN K . -7.75 22.06 12.65
CHA HEM L . -8.79 13.02 -16.81
CHB HEM L . -5.27 15.39 -14.46
CHC HEM L . -4.16 11.24 -12.28
CHD HEM L . -7.25 8.83 -15.00
C1A HEM L . -7.93 14.00 -16.37
C2A HEM L . -7.92 15.37 -16.83
C3A HEM L . -6.93 16.01 -16.20
C4A HEM L . -6.31 15.08 -15.29
CMA HEM L . -6.53 17.48 -16.32
CAA HEM L . -8.88 15.94 -17.89
CBA HEM L . -10.00 16.90 -17.46
CGA HEM L . -10.35 17.95 -18.50
O1A HEM L . -10.75 17.51 -19.61
O2A HEM L . -10.21 19.15 -18.16
C1B HEM L . -4.68 14.48 -13.63
C2B HEM L . -3.65 14.75 -12.66
C3B HEM L . -3.33 13.62 -12.06
C4B HEM L . -4.18 12.58 -12.62
CMB HEM L . -3.03 16.13 -12.38
CAB HEM L . -2.28 13.39 -10.94
CBB HEM L . -1.81 12.16 -10.74
C1C HEM L . -4.82 10.19 -12.85
C2C HEM L . -4.66 8.77 -12.57
C3C HEM L . -5.53 8.13 -13.37
C4C HEM L . -6.24 9.11 -14.13
CMC HEM L . -3.63 8.14 -11.61
CAC HEM L . -5.79 6.62 -13.55
CBC HEM L . -4.73 5.81 -13.59
C1D HEM L . -7.90 9.77 -15.72
C2D HEM L . -8.81 9.44 -16.78
C3D HEM L . -9.22 10.60 -17.30
C4D HEM L . -8.60 11.68 -16.58
CMD HEM L . -9.12 7.97 -17.13
CAD HEM L . -10.22 10.82 -18.44
CBD HEM L . -11.17 12.04 -18.37
CGD HEM L . -12.27 11.98 -19.39
O1D HEM L . -11.92 12.29 -20.57
O2D HEM L . -13.41 11.61 -19.00
NA HEM L . -6.94 13.86 -15.40
NB HEM L . -4.98 13.15 -13.58
NC HEM L . -5.80 10.39 -13.79
ND HEM L . -7.77 11.14 -15.62
FE HEM L . -6.39 12.15 -14.54
C CMO M . -5.15 11.98 -15.92
O CMO M . -4.92 11.11 -16.69
#